data_6Z81
#
_entry.id   6Z81
#
_cell.length_a   63.230
_cell.length_b   69.250
_cell.length_c   86.540
_cell.angle_alpha   109.380
_cell.angle_beta   92.000
_cell.angle_gamma   116.940
#
_symmetry.space_group_name_H-M   'P 1'
#
loop_
_entity.id
_entity.type
_entity.pdbx_description
1 polymer 'tRNA N6-adenosine threonylcarbamoyltransferase'
2 polymer 'tRNA threonylcarbamoyladenosine biosynthesis protein TsaB'
3 non-polymer 'NICKEL (II) ION'
4 non-polymer 'ZINC ION'
5 non-polymer '(2~{S},3~{R})-2-[2-[[(2~{R},3~{S},4~{R},5~{R})-5-(6-aminopurin-9-yl)-3,4-bis(oxidanyl)oxolan-2-yl]methoxy-oxidanyl-phosphoryl]ethanoylamino]-3-oxidanyl-butanoic acid'
6 non-polymer 'SULFATE ION'
7 non-polymer 'SODIUM ION'
8 non-polymer 'ACETATE ION'
9 non-polymer DI(HYDROXYETHYL)ETHER
10 non-polymer 'ADENOSINE MONOPHOSPHATE'
11 water water
#
loop_
_entity_poly.entity_id
_entity_poly.type
_entity_poly.pdbx_seq_one_letter_code
_entity_poly.pdbx_strand_id
1 'polypeptide(L)'
;MRVLGIETSCDETGIAIYDDEKGLLANQLYSQVKLHADYGGVVPELASRDHVRKTVPLIQAALKESGLTAKDIDAVAYTA
GPGLVGALLVGATVGRSLAFAWDVPAIPVHHMEGHLLAPMLEDNPPEFPFVALLVSGGHTQLISVTGIGQYELLGESIDD
AAGEAFDKTAKLLGLDYPGGPLLSKMAAQGTAGRFVFPRPMTDRPGLDFSFSGLKTFAANTIRDNGTDDQTRADIARAFE
DAVVDTLMIKCKRALDQTGFKRLVMAGGVSANRTLRAKLAEMMKKRRGEVFYARPEFCTDNGAMIAYAGMVRFKAGATAD
LGVSVRPRWPLAELPAAHHHHHH
;
A,B
2 'polypeptide(L)'
;MRILAIDTATEACSVALWNDGTVNAHFELCPREHTQRILPMVQDILTTSGTSLTDINALAYGRGPGSFTGVRIGIGIAQG
LALGAELPMIGVSTLMTMAQGAWRKNGATRVLAAIDARMGEVYWAEYQRDENGIWHGEETEAVLKPEIVHERMQQLSGEW
VTVGTGWQAWPDLGKESGLVLRDGEVLLPAAEDMLPIACQMFAEGKTVAVEHAEPVYLRNNVAWKKLPGKEHHHHHH
;
C,D
#
# COMPACT_ATOMS: atom_id res chain seq x y z
N MET A 1 24.97 0.00 33.16
CA MET A 1 24.37 0.58 31.95
C MET A 1 22.89 0.32 31.93
N ARG A 2 22.12 1.37 31.59
CA ARG A 2 20.65 1.34 31.49
C ARG A 2 20.20 1.86 30.15
N VAL A 3 19.20 1.19 29.55
CA VAL A 3 18.63 1.55 28.27
C VAL A 3 17.11 1.62 28.45
N LEU A 4 16.50 2.74 27.98
CA LEU A 4 15.06 2.93 27.89
C LEU A 4 14.66 2.42 26.50
N GLY A 5 13.80 1.41 26.46
CA GLY A 5 13.30 0.83 25.21
C GLY A 5 11.87 1.24 24.92
N ILE A 6 11.62 1.66 23.66
CA ILE A 6 10.32 2.10 23.18
C ILE A 6 9.77 1.18 22.06
N GLU A 7 8.58 0.60 22.30
CA GLU A 7 7.90 -0.26 21.33
C GLU A 7 6.53 0.29 20.94
N THR A 8 6.38 0.64 19.64
CA THR A 8 5.11 1.14 19.07
C THR A 8 4.98 0.62 17.63
N SER A 9 5.26 -0.65 17.35
CA SER A 9 5.22 -1.13 15.95
C SER A 9 3.82 -1.47 15.41
N CYS A 10 2.89 -1.85 16.29
CA CYS A 10 1.54 -2.25 15.92
C CYS A 10 0.49 -1.54 16.77
N ASP A 11 -0.25 -2.28 17.62
CA ASP A 11 -1.34 -1.78 18.45
C ASP A 11 -1.08 -1.93 19.96
N GLU A 12 0.20 -1.89 20.35
CA GLU A 12 0.63 -2.00 21.74
C GLU A 12 1.77 -1.01 22.01
N THR A 13 1.67 -0.22 23.11
CA THR A 13 2.73 0.74 23.50
C THR A 13 3.46 0.13 24.66
N GLY A 14 4.70 -0.27 24.40
CA GLY A 14 5.56 -0.92 25.38
C GLY A 14 6.74 -0.04 25.71
N ILE A 15 6.96 0.20 27.02
CA ILE A 15 8.08 0.99 27.54
C ILE A 15 8.76 0.15 28.63
N ALA A 16 10.08 0.04 28.59
CA ALA A 16 10.83 -0.66 29.60
C ALA A 16 12.20 -0.05 29.80
N ILE A 17 12.81 -0.33 30.97
CA ILE A 17 14.15 0.10 31.32
C ILE A 17 14.95 -1.14 31.64
N TYR A 18 16.09 -1.33 30.97
CA TYR A 18 16.94 -2.51 31.18
C TYR A 18 18.33 -2.09 31.65
N ASP A 19 18.76 -2.67 32.79
CA ASP A 19 20.06 -2.51 33.44
C ASP A 19 20.88 -3.75 33.08
N ASP A 20 22.07 -3.58 32.48
CA ASP A 20 22.88 -4.73 32.06
C ASP A 20 23.35 -5.60 33.24
N GLU A 21 23.44 -5.01 34.46
CA GLU A 21 23.83 -5.68 35.71
CA GLU A 21 23.83 -5.76 35.66
C GLU A 21 22.61 -6.22 36.44
N LYS A 22 21.66 -5.32 36.77
CA LYS A 22 20.45 -5.61 37.55
C LYS A 22 19.27 -6.23 36.80
N GLY A 23 19.27 -6.17 35.48
CA GLY A 23 18.16 -6.68 34.70
C GLY A 23 17.12 -5.62 34.39
N LEU A 24 15.89 -6.05 34.23
CA LEU A 24 14.74 -5.18 33.92
C LEU A 24 14.30 -4.37 35.16
N LEU A 25 14.30 -3.01 35.07
CA LEU A 25 13.94 -2.11 36.19
C LEU A 25 12.53 -1.54 36.12
N ALA A 26 11.91 -1.61 34.94
CA ALA A 26 10.56 -1.13 34.65
C ALA A 26 10.05 -1.82 33.41
N ASN A 27 8.74 -1.97 33.35
CA ASN A 27 7.98 -2.53 32.23
C ASN A 27 6.57 -2.00 32.32
N GLN A 28 6.18 -1.26 31.27
CA GLN A 28 4.90 -0.58 31.11
C GLN A 28 4.27 -0.96 29.81
N LEU A 29 2.96 -1.14 29.82
CA LEU A 29 2.24 -1.56 28.61
C LEU A 29 0.87 -0.99 28.52
N TYR A 30 0.48 -0.57 27.31
CA TYR A 30 -0.87 -0.19 27.00
C TYR A 30 -1.30 -0.95 25.74
N SER A 31 -2.35 -1.75 25.86
CA SER A 31 -2.90 -2.52 24.73
C SER A 31 -4.13 -1.82 24.18
N GLN A 32 -4.18 -1.67 22.84
CA GLN A 32 -5.30 -1.00 22.14
C GLN A 32 -6.45 -1.97 21.74
N VAL A 33 -6.66 -3.06 22.49
CA VAL A 33 -7.70 -4.07 22.25
C VAL A 33 -9.09 -3.48 21.98
N LYS A 34 -9.61 -2.68 22.94
CA LYS A 34 -10.92 -2.04 22.92
C LYS A 34 -11.17 -1.15 21.68
N LEU A 35 -10.11 -0.47 21.21
CA LEU A 35 -10.14 0.42 20.04
C LEU A 35 -10.34 -0.36 18.74
N HIS A 36 -9.65 -1.49 18.57
CA HIS A 36 -9.69 -2.25 17.34
C HIS A 36 -10.68 -3.41 17.32
N ALA A 37 -11.29 -3.73 18.47
CA ALA A 37 -12.24 -4.84 18.62
C ALA A 37 -13.46 -4.63 17.73
N ASP A 38 -13.96 -3.37 17.68
CA ASP A 38 -15.13 -2.94 16.90
C ASP A 38 -15.00 -3.13 15.41
N TYR A 39 -13.76 -3.01 14.89
CA TYR A 39 -13.43 -3.08 13.47
C TYR A 39 -12.93 -4.44 12.99
N GLY A 40 -12.69 -5.35 13.93
CA GLY A 40 -12.22 -6.71 13.64
C GLY A 40 -10.81 -6.80 13.09
N GLY A 41 -10.02 -5.77 13.32
CA GLY A 41 -8.63 -5.70 12.89
C GLY A 41 -7.98 -4.42 13.35
N VAL A 42 -6.68 -4.27 13.07
CA VAL A 42 -5.95 -3.07 13.45
C VAL A 42 -6.16 -1.99 12.37
N VAL A 43 -6.84 -0.88 12.74
CA VAL A 43 -7.04 0.30 11.90
C VAL A 43 -5.77 1.12 12.13
N PRO A 44 -4.87 1.23 11.11
CA PRO A 44 -3.59 1.92 11.34
C PRO A 44 -3.70 3.35 11.85
N GLU A 45 -4.65 4.09 11.33
CA GLU A 45 -4.86 5.50 11.71
C GLU A 45 -5.22 5.67 13.18
N LEU A 46 -6.10 4.78 13.69
CA LEU A 46 -6.49 4.77 15.09
C LEU A 46 -5.33 4.33 16.00
N ALA A 47 -4.50 3.37 15.56
CA ALA A 47 -3.32 2.86 16.27
C ALA A 47 -2.27 3.96 16.47
N SER A 48 -1.95 4.70 15.39
CA SER A 48 -1.03 5.84 15.44
C SER A 48 -1.57 6.91 16.40
N ARG A 49 -2.89 7.16 16.39
CA ARG A 49 -3.52 8.15 17.27
C ARG A 49 -3.38 7.78 18.77
N ASP A 50 -3.54 6.48 19.10
CA ASP A 50 -3.43 6.00 20.48
C ASP A 50 -2.03 5.97 20.98
N HIS A 51 -1.05 5.76 20.07
CA HIS A 51 0.36 5.75 20.40
C HIS A 51 0.80 7.13 20.89
N VAL A 52 0.27 8.21 20.30
CA VAL A 52 0.59 9.59 20.67
C VAL A 52 0.10 9.88 22.09
N ARG A 53 -1.08 9.38 22.42
CA ARG A 53 -1.73 9.54 23.71
C ARG A 53 -0.98 8.81 24.82
N LYS A 54 -0.48 7.60 24.51
CA LYS A 54 0.11 6.69 25.50
C LYS A 54 1.64 6.68 25.64
N THR A 55 2.42 7.11 24.62
CA THR A 55 3.89 6.99 24.66
C THR A 55 4.52 7.73 25.84
N VAL A 56 4.34 9.06 25.91
CA VAL A 56 4.92 9.92 26.96
C VAL A 56 4.46 9.52 28.38
N PRO A 57 3.15 9.26 28.69
CA PRO A 57 2.80 8.85 30.07
C PRO A 57 3.38 7.50 30.47
N LEU A 58 3.61 6.62 29.49
CA LEU A 58 4.21 5.33 29.79
C LEU A 58 5.72 5.47 30.02
N ILE A 59 6.37 6.48 29.37
CA ILE A 59 7.78 6.79 29.64
C ILE A 59 7.85 7.32 31.11
N GLN A 60 6.93 8.22 31.46
CA GLN A 60 6.76 8.81 32.79
C GLN A 60 6.55 7.75 33.88
N ALA A 61 5.65 6.77 33.64
CA ALA A 61 5.36 5.68 34.58
C ALA A 61 6.57 4.76 34.77
N ALA A 62 7.31 4.45 33.69
CA ALA A 62 8.52 3.64 33.78
C ALA A 62 9.66 4.32 34.58
N LEU A 63 9.81 5.66 34.51
CA LEU A 63 10.82 6.37 35.32
C LEU A 63 10.40 6.42 36.80
N LYS A 64 9.09 6.48 37.06
CA LYS A 64 8.53 6.49 38.40
C LYS A 64 8.68 5.08 39.00
N GLU A 65 8.31 4.02 38.24
CA GLU A 65 8.42 2.62 38.66
C GLU A 65 9.86 2.22 39.05
N SER A 66 10.85 2.70 38.30
CA SER A 66 12.26 2.41 38.51
C SER A 66 12.96 3.37 39.50
N GLY A 67 12.34 4.51 39.79
CA GLY A 67 12.90 5.54 40.66
C GLY A 67 14.09 6.22 40.02
N LEU A 68 14.16 6.14 38.69
CA LEU A 68 15.24 6.70 37.91
C LEU A 68 14.93 8.07 37.37
N THR A 69 15.99 8.85 37.17
CA THR A 69 15.99 10.21 36.64
C THR A 69 16.72 10.15 35.28
N ALA A 70 16.57 11.20 34.47
CA ALA A 70 17.18 11.34 33.13
C ALA A 70 18.62 10.91 33.08
N LYS A 71 19.45 11.38 34.04
CA LYS A 71 20.90 11.12 34.13
C LYS A 71 21.25 9.65 34.34
N ASP A 72 20.27 8.83 34.78
CA ASP A 72 20.48 7.39 34.97
C ASP A 72 20.38 6.65 33.64
N ILE A 73 19.77 7.26 32.61
CA ILE A 73 19.59 6.60 31.31
C ILE A 73 20.81 6.81 30.44
N ASP A 74 21.39 5.69 29.97
CA ASP A 74 22.57 5.67 29.12
C ASP A 74 22.25 5.75 27.61
N ALA A 75 21.13 5.20 27.16
CA ALA A 75 20.71 5.26 25.75
C ALA A 75 19.18 5.07 25.61
N VAL A 76 18.62 5.59 24.49
CA VAL A 76 17.20 5.46 24.12
C VAL A 76 17.08 4.56 22.90
N ALA A 77 16.33 3.46 23.03
CA ALA A 77 16.17 2.50 21.95
C ALA A 77 14.75 2.45 21.52
N TYR A 78 14.50 2.40 20.21
CA TYR A 78 13.12 2.37 19.72
C TYR A 78 12.97 1.40 18.57
N THR A 79 11.76 0.80 18.42
CA THR A 79 11.52 -0.09 17.28
C THR A 79 11.43 0.80 16.04
N ALA A 80 12.34 0.58 15.10
CA ALA A 80 12.39 1.35 13.85
C ALA A 80 11.62 0.59 12.77
N GLY A 81 11.33 -0.68 13.05
CA GLY A 81 10.59 -1.58 12.19
C GLY A 81 10.94 -3.02 12.46
N PRO A 82 10.29 -4.01 11.78
CA PRO A 82 9.14 -3.87 10.87
C PRO A 82 7.85 -3.55 11.67
N GLY A 83 6.78 -3.20 10.95
CA GLY A 83 5.50 -2.86 11.55
C GLY A 83 4.75 -1.86 10.73
N LEU A 84 3.73 -1.21 11.33
CA LEU A 84 2.91 -0.20 10.67
C LEU A 84 3.68 1.12 10.68
N VAL A 85 3.92 1.75 9.51
CA VAL A 85 4.71 2.99 9.33
C VAL A 85 4.23 4.12 10.29
N GLY A 86 2.91 4.33 10.38
CA GLY A 86 2.30 5.32 11.25
C GLY A 86 2.51 5.11 12.75
N ALA A 87 2.46 3.83 13.18
CA ALA A 87 2.62 3.41 14.56
C ALA A 87 4.10 3.58 14.94
N LEU A 88 5.00 3.03 14.07
CA LEU A 88 6.44 3.08 14.18
C LEU A 88 7.01 4.49 14.39
N LEU A 89 6.51 5.46 13.58
CA LEU A 89 6.93 6.86 13.58
C LEU A 89 6.68 7.56 14.91
N VAL A 90 5.63 7.15 15.66
CA VAL A 90 5.33 7.75 16.97
C VAL A 90 6.49 7.45 17.97
N GLY A 91 6.83 6.16 18.13
CA GLY A 91 7.90 5.73 19.02
C GLY A 91 9.26 6.27 18.65
N ALA A 92 9.57 6.25 17.34
CA ALA A 92 10.82 6.73 16.76
C ALA A 92 11.01 8.25 16.83
N THR A 93 9.94 9.06 16.60
CA THR A 93 10.06 10.54 16.71
C THR A 93 10.23 10.95 18.16
N VAL A 94 9.38 10.39 19.10
CA VAL A 94 9.46 10.65 20.55
C VAL A 94 10.83 10.19 21.10
N GLY A 95 11.24 8.97 20.73
CA GLY A 95 12.50 8.36 21.14
C GLY A 95 13.73 9.12 20.70
N ARG A 96 13.78 9.51 19.43
CA ARG A 96 14.92 10.22 18.87
C ARG A 96 15.12 11.60 19.49
N SER A 97 14.02 12.36 19.66
CA SER A 97 14.04 13.71 20.26
C SER A 97 14.25 13.65 21.77
N LEU A 98 13.81 12.56 22.42
CA LEU A 98 14.04 12.40 23.85
C LEU A 98 15.54 12.18 24.05
N ALA A 99 16.15 11.28 23.24
CA ALA A 99 17.58 10.97 23.26
C ALA A 99 18.41 12.21 23.06
N PHE A 100 18.02 13.07 22.11
CA PHE A 100 18.64 14.37 21.80
C PHE A 100 18.60 15.31 23.01
N ALA A 101 17.39 15.52 23.61
CA ALA A 101 17.16 16.38 24.78
C ALA A 101 17.89 15.87 26.03
N TRP A 102 17.93 14.53 26.20
CA TRP A 102 18.62 13.87 27.28
C TRP A 102 20.11 13.76 26.94
N ASP A 103 20.50 14.10 25.68
CA ASP A 103 21.91 14.07 25.26
C ASP A 103 22.51 12.66 25.46
N VAL A 104 21.83 11.65 24.90
CA VAL A 104 22.23 10.24 24.98
C VAL A 104 22.16 9.60 23.60
N PRO A 105 22.92 8.50 23.30
CA PRO A 105 22.78 7.86 21.99
C PRO A 105 21.38 7.28 21.79
N ALA A 106 20.98 7.20 20.51
CA ALA A 106 19.69 6.68 20.07
C ALA A 106 19.94 5.42 19.31
N ILE A 107 19.13 4.39 19.59
CA ILE A 107 19.31 3.06 19.03
C ILE A 107 18.07 2.58 18.28
N PRO A 108 18.07 2.61 16.93
CA PRO A 108 16.95 2.03 16.18
C PRO A 108 17.08 0.51 16.33
N VAL A 109 15.96 -0.19 16.58
CA VAL A 109 15.93 -1.61 16.88
C VAL A 109 14.99 -2.36 15.90
N HIS A 110 15.39 -3.55 15.49
CA HIS A 110 14.58 -4.42 14.67
C HIS A 110 13.62 -5.17 15.61
N HIS A 111 12.32 -4.97 15.45
CA HIS A 111 11.26 -5.62 16.25
C HIS A 111 11.39 -7.16 16.36
N MET A 112 11.75 -7.85 15.23
CA MET A 112 11.88 -9.32 15.23
C MET A 112 13.12 -9.76 15.98
N GLU A 113 14.18 -8.92 16.02
CA GLU A 113 15.37 -9.21 16.82
C GLU A 113 15.00 -9.11 18.30
N GLY A 114 14.10 -8.20 18.65
CA GLY A 114 13.61 -8.05 20.01
C GLY A 114 12.94 -9.33 20.47
N HIS A 115 11.98 -9.85 19.64
CA HIS A 115 11.29 -11.12 19.90
C HIS A 115 12.29 -12.25 20.08
N LEU A 116 13.25 -12.38 19.12
CA LEU A 116 14.33 -13.40 19.11
C LEU A 116 15.12 -13.45 20.42
N LEU A 117 15.40 -12.28 21.00
CA LEU A 117 16.18 -12.09 22.21
C LEU A 117 15.37 -12.04 23.52
N ALA A 118 14.02 -12.12 23.46
CA ALA A 118 13.12 -12.12 24.65
C ALA A 118 13.42 -13.29 25.62
N PRO A 119 13.77 -14.53 25.18
CA PRO A 119 14.21 -15.55 26.15
C PRO A 119 15.48 -15.19 26.96
N MET A 120 16.27 -14.18 26.51
CA MET A 120 17.48 -13.77 27.23
C MET A 120 17.15 -12.99 28.50
N LEU A 121 15.89 -12.56 28.66
CA LEU A 121 15.38 -11.85 29.83
C LEU A 121 14.99 -12.82 30.98
N GLU A 122 15.00 -14.13 30.72
CA GLU A 122 14.68 -15.17 31.70
C GLU A 122 15.98 -15.86 32.17
N ASP A 123 15.88 -16.71 33.20
CA ASP A 123 17.03 -17.47 33.68
C ASP A 123 17.35 -18.61 32.68
N ASN A 124 18.64 -18.98 32.63
CA ASN A 124 19.22 -19.96 31.72
C ASN A 124 18.98 -19.52 30.25
N PRO A 125 19.53 -18.34 29.83
CA PRO A 125 19.31 -17.89 28.45
C PRO A 125 19.99 -18.83 27.46
N PRO A 126 19.52 -18.94 26.19
CA PRO A 126 20.18 -19.85 25.25
C PRO A 126 21.57 -19.40 24.82
N GLU A 127 22.45 -20.38 24.63
CA GLU A 127 23.79 -20.14 24.10
C GLU A 127 23.68 -20.32 22.60
N PHE A 128 24.58 -19.69 21.85
CA PHE A 128 24.68 -19.84 20.40
C PHE A 128 25.44 -21.14 20.11
N PRO A 129 25.05 -21.93 19.09
CA PRO A 129 23.95 -21.68 18.15
C PRO A 129 22.60 -22.25 18.59
N PHE A 130 21.52 -21.79 17.93
CA PHE A 130 20.17 -22.29 18.15
C PHE A 130 19.28 -22.01 16.94
N VAL A 131 18.17 -22.75 16.87
CA VAL A 131 17.15 -22.55 15.86
C VAL A 131 16.09 -21.67 16.51
N ALA A 132 15.66 -20.61 15.81
CA ALA A 132 14.63 -19.73 16.34
C ALA A 132 13.37 -19.83 15.53
N LEU A 133 12.24 -20.08 16.21
CA LEU A 133 10.93 -20.08 15.59
C LEU A 133 10.27 -18.74 15.96
N LEU A 134 10.27 -17.80 15.01
CA LEU A 134 9.67 -16.48 15.18
C LEU A 134 8.27 -16.57 14.64
N VAL A 135 7.29 -16.57 15.54
CA VAL A 135 5.90 -16.81 15.18
C VAL A 135 4.93 -15.80 15.85
N SER A 136 4.64 -14.74 15.12
CA SER A 136 3.76 -13.66 15.57
C SER A 136 2.58 -13.43 14.62
N GLY A 137 2.00 -12.25 14.71
CA GLY A 137 0.88 -11.84 13.88
C GLY A 137 1.31 -11.47 12.49
N GLY A 138 2.48 -10.83 12.37
CA GLY A 138 3.03 -10.42 11.10
C GLY A 138 3.96 -11.43 10.45
N HIS A 139 4.64 -12.24 11.25
CA HIS A 139 5.66 -13.18 10.76
C HIS A 139 5.56 -14.61 11.26
N THR A 140 6.10 -15.53 10.46
CA THR A 140 6.28 -16.95 10.76
C THR A 140 7.56 -17.38 10.05
N GLN A 141 8.69 -17.39 10.79
CA GLN A 141 10.00 -17.71 10.22
C GLN A 141 10.78 -18.68 11.06
N LEU A 142 11.67 -19.43 10.41
CA LEU A 142 12.64 -20.34 11.03
C LEU A 142 14.02 -19.78 10.73
N ILE A 143 14.78 -19.50 11.77
CA ILE A 143 16.09 -18.90 11.63
C ILE A 143 17.17 -19.73 12.31
N SER A 144 18.29 -19.92 11.61
CA SER A 144 19.48 -20.55 12.18
C SER A 144 20.26 -19.39 12.77
N VAL A 145 20.31 -19.31 14.13
CA VAL A 145 20.99 -18.24 14.86
C VAL A 145 22.38 -18.72 15.35
N THR A 146 23.46 -18.18 14.74
CA THR A 146 24.84 -18.51 15.13
C THR A 146 25.49 -17.37 15.94
N GLY A 147 24.79 -16.25 16.06
CA GLY A 147 25.25 -15.11 16.85
C GLY A 147 24.34 -13.93 16.66
N ILE A 148 24.66 -12.80 17.29
CA ILE A 148 23.92 -11.54 17.14
C ILE A 148 24.17 -11.05 15.69
N GLY A 149 23.09 -10.82 14.95
CA GLY A 149 23.17 -10.36 13.58
C GLY A 149 23.71 -11.35 12.58
N GLN A 150 23.74 -12.63 12.96
CA GLN A 150 24.18 -13.75 12.12
C GLN A 150 22.94 -14.65 12.07
N TYR A 151 21.94 -14.19 11.30
CA TYR A 151 20.61 -14.81 11.17
C TYR A 151 20.40 -15.32 9.77
N GLU A 152 20.40 -16.65 9.59
CA GLU A 152 20.15 -17.29 8.31
C GLU A 152 18.69 -17.73 8.27
N LEU A 153 17.95 -17.23 7.29
CA LEU A 153 16.55 -17.60 7.10
C LEU A 153 16.49 -19.02 6.54
N LEU A 154 15.93 -19.93 7.33
CA LEU A 154 15.77 -21.34 6.96
C LEU A 154 14.44 -21.54 6.25
N GLY A 155 13.40 -20.89 6.73
CA GLY A 155 12.07 -21.00 6.15
C GLY A 155 11.16 -19.89 6.58
N GLU A 156 10.07 -19.70 5.84
CA GLU A 156 9.07 -18.67 6.11
C GLU A 156 7.71 -19.00 5.55
N SER A 157 6.69 -18.23 5.98
CA SER A 157 5.34 -18.41 5.45
C SER A 157 5.24 -17.85 4.04
N ILE A 158 4.62 -18.64 3.16
CA ILE A 158 4.40 -18.27 1.76
C ILE A 158 3.12 -17.44 1.64
N ASP A 159 2.30 -17.40 2.71
CA ASP A 159 1.04 -16.68 2.71
C ASP A 159 0.78 -15.96 4.07
N ASP A 160 -0.08 -16.54 4.92
CA ASP A 160 -0.48 -16.04 6.24
C ASP A 160 0.49 -16.42 7.35
N ALA A 161 0.77 -15.49 8.27
CA ALA A 161 1.58 -15.79 9.46
C ALA A 161 0.67 -16.58 10.40
N ALA A 162 1.24 -17.42 11.29
CA ALA A 162 0.49 -18.23 12.27
C ALA A 162 -0.46 -17.36 13.12
N GLY A 163 -0.02 -16.12 13.40
CA GLY A 163 -0.81 -15.14 14.13
C GLY A 163 -2.08 -14.77 13.41
N GLU A 164 -1.96 -14.33 12.11
CA GLU A 164 -3.10 -14.01 11.23
C GLU A 164 -4.04 -15.20 11.14
N ALA A 165 -3.50 -16.41 10.91
CA ALA A 165 -4.25 -17.67 10.82
C ALA A 165 -5.09 -17.94 12.09
N PHE A 166 -4.49 -17.78 13.30
CA PHE A 166 -5.23 -17.90 14.58
C PHE A 166 -6.32 -16.85 14.68
N ASP A 167 -6.00 -15.61 14.30
CA ASP A 167 -6.97 -14.50 14.34
C ASP A 167 -8.12 -14.62 13.37
N LYS A 168 -7.87 -15.10 12.14
CA LYS A 168 -8.86 -15.28 11.06
C LYS A 168 -9.88 -16.38 11.37
N THR A 169 -9.44 -17.50 11.95
CA THR A 169 -10.27 -18.64 12.33
C THR A 169 -11.12 -18.29 13.56
N ALA A 170 -10.55 -17.61 14.56
CA ALA A 170 -11.27 -17.18 15.76
C ALA A 170 -12.43 -16.24 15.39
N LYS A 171 -12.25 -15.42 14.33
CA LYS A 171 -13.28 -14.51 13.81
C LYS A 171 -14.48 -15.33 13.31
N LEU A 172 -14.22 -16.45 12.59
CA LEU A 172 -15.24 -17.40 12.11
C LEU A 172 -15.99 -18.06 13.27
N LEU A 173 -15.29 -18.30 14.40
CA LEU A 173 -15.82 -18.91 15.62
C LEU A 173 -16.61 -17.91 16.52
N GLY A 174 -16.76 -16.67 16.04
CA GLY A 174 -17.49 -15.59 16.70
C GLY A 174 -16.71 -14.80 17.73
N LEU A 175 -15.44 -15.15 17.93
CA LEU A 175 -14.55 -14.50 18.91
C LEU A 175 -14.09 -13.12 18.42
N ASP A 176 -13.85 -12.20 19.37
CA ASP A 176 -13.42 -10.82 19.09
C ASP A 176 -11.92 -10.72 18.76
N TYR A 177 -11.54 -9.62 18.09
CA TYR A 177 -10.16 -9.37 17.64
C TYR A 177 -9.27 -8.80 18.75
N PRO A 178 -8.02 -9.34 18.95
CA PRO A 178 -7.45 -10.54 18.32
C PRO A 178 -7.90 -11.81 19.04
N GLY A 179 -8.37 -12.78 18.26
CA GLY A 179 -8.92 -14.03 18.76
C GLY A 179 -7.97 -15.17 19.10
N GLY A 180 -6.69 -15.04 18.76
CA GLY A 180 -5.67 -16.05 19.04
C GLY A 180 -5.71 -16.63 20.46
N PRO A 181 -5.64 -15.78 21.53
CA PRO A 181 -5.68 -16.33 22.89
C PRO A 181 -7.06 -16.87 23.31
N LEU A 182 -8.16 -16.33 22.74
CA LEU A 182 -9.53 -16.78 23.01
C LEU A 182 -9.81 -18.13 22.33
N LEU A 183 -9.30 -18.33 21.11
CA LEU A 183 -9.43 -19.59 20.37
C LEU A 183 -8.72 -20.67 21.20
N SER A 184 -7.56 -20.33 21.81
CA SER A 184 -6.79 -21.24 22.65
C SER A 184 -7.58 -21.76 23.85
N LYS A 185 -8.27 -20.85 24.59
CA LYS A 185 -9.11 -21.17 25.74
C LYS A 185 -10.32 -22.03 25.31
N MET A 186 -10.93 -21.69 24.16
CA MET A 186 -12.04 -22.41 23.55
C MET A 186 -11.57 -23.83 23.16
N ALA A 187 -10.34 -23.96 22.62
CA ALA A 187 -9.73 -25.23 22.22
C ALA A 187 -9.53 -26.22 23.37
N ALA A 188 -9.18 -25.71 24.58
CA ALA A 188 -8.93 -26.52 25.80
C ALA A 188 -10.17 -27.27 26.28
N GLN A 189 -11.39 -26.79 25.89
CA GLN A 189 -12.72 -27.36 26.16
C GLN A 189 -13.20 -28.32 25.04
N GLY A 190 -12.29 -28.71 24.13
CA GLY A 190 -12.62 -29.56 22.98
C GLY A 190 -12.11 -30.99 23.04
N THR A 191 -12.75 -31.88 22.26
CA THR A 191 -12.38 -33.30 22.18
C THR A 191 -11.25 -33.51 21.16
N ALA A 192 -10.20 -34.22 21.60
CA ALA A 192 -9.02 -34.53 20.79
C ALA A 192 -9.37 -35.52 19.69
N GLY A 193 -9.12 -35.11 18.44
CA GLY A 193 -9.34 -35.92 17.25
C GLY A 193 -10.78 -36.02 16.77
N ARG A 194 -11.70 -35.15 17.27
CA ARG A 194 -13.10 -35.17 16.82
C ARG A 194 -13.12 -34.83 15.32
N PHE A 195 -12.38 -33.78 14.96
CA PHE A 195 -12.16 -33.27 13.61
C PHE A 195 -10.67 -33.30 13.35
N VAL A 196 -10.28 -33.53 12.09
CA VAL A 196 -8.88 -33.60 11.69
C VAL A 196 -8.63 -32.63 10.55
N PHE A 197 -7.82 -31.60 10.84
CA PHE A 197 -7.40 -30.57 9.89
C PHE A 197 -6.08 -31.03 9.26
N PRO A 198 -5.66 -30.51 8.09
CA PRO A 198 -4.38 -30.99 7.53
C PRO A 198 -3.17 -30.29 8.16
N ARG A 199 -1.99 -30.89 8.05
CA ARG A 199 -0.77 -30.24 8.53
C ARG A 199 -0.10 -29.71 7.24
N PRO A 200 -0.38 -28.45 6.83
CA PRO A 200 0.14 -27.98 5.52
C PRO A 200 1.67 -27.92 5.37
N MET A 201 2.14 -28.42 4.20
CA MET A 201 3.52 -28.49 3.71
C MET A 201 4.41 -29.46 4.50
N THR A 202 3.82 -30.55 4.99
CA THR A 202 4.56 -31.55 5.75
C THR A 202 4.65 -32.88 4.98
N ASP A 203 4.05 -32.92 3.77
CA ASP A 203 4.03 -34.07 2.88
C ASP A 203 5.39 -34.24 2.19
N ARG A 204 5.93 -33.13 1.69
CA ARG A 204 7.20 -33.00 0.99
C ARG A 204 8.27 -32.40 1.93
N PRO A 205 9.59 -32.62 1.70
CA PRO A 205 10.60 -31.98 2.56
C PRO A 205 10.69 -30.48 2.30
N GLY A 206 11.17 -29.73 3.30
CA GLY A 206 11.28 -28.27 3.24
C GLY A 206 10.90 -27.56 4.54
N LEU A 207 11.35 -26.31 4.70
CA LEU A 207 11.14 -25.55 5.94
C LEU A 207 10.20 -24.34 5.79
N ASP A 208 9.43 -24.29 4.70
CA ASP A 208 8.51 -23.18 4.46
C ASP A 208 7.12 -23.49 4.98
N PHE A 209 6.36 -22.45 5.30
CA PHE A 209 5.04 -22.62 5.88
C PHE A 209 3.91 -22.09 5.04
N SER A 210 2.71 -22.59 5.32
CA SER A 210 1.45 -22.18 4.71
C SER A 210 0.38 -22.43 5.77
N PHE A 211 -0.45 -21.42 6.04
CA PHE A 211 -1.55 -21.55 7.00
C PHE A 211 -2.91 -21.11 6.44
N SER A 212 -2.99 -20.44 5.25
CA SER A 212 -4.26 -20.01 4.62
C SER A 212 -5.26 -21.15 4.44
N GLY A 213 -4.77 -22.31 3.98
CA GLY A 213 -5.57 -23.53 3.77
C GLY A 213 -6.33 -24.02 4.99
N LEU A 214 -5.82 -23.68 6.19
CA LEU A 214 -6.42 -24.03 7.47
C LEU A 214 -7.68 -23.24 7.79
N LYS A 215 -7.77 -21.98 7.32
CA LYS A 215 -8.95 -21.12 7.51
C LYS A 215 -10.14 -21.73 6.76
N THR A 216 -9.86 -22.16 5.50
CA THR A 216 -10.77 -22.79 4.55
C THR A 216 -11.33 -24.06 5.18
N PHE A 217 -10.45 -24.92 5.73
CA PHE A 217 -10.85 -26.16 6.40
C PHE A 217 -11.73 -25.89 7.63
N ALA A 218 -11.48 -24.78 8.36
CA ALA A 218 -12.27 -24.38 9.52
C ALA A 218 -13.67 -23.94 9.09
N ALA A 219 -13.75 -23.00 8.10
CA ALA A 219 -15.02 -22.51 7.53
C ALA A 219 -15.91 -23.63 6.97
N ASN A 220 -15.30 -24.64 6.32
CA ASN A 220 -16.02 -25.79 5.77
C ASN A 220 -16.55 -26.68 6.92
N THR A 221 -15.77 -26.81 8.03
CA THR A 221 -16.15 -27.61 9.20
C THR A 221 -17.27 -26.91 9.99
N ILE A 222 -17.24 -25.56 10.05
CA ILE A 222 -18.25 -24.76 10.75
C ILE A 222 -19.62 -24.89 10.03
N ARG A 223 -19.64 -24.65 8.72
CA ARG A 223 -20.80 -24.72 7.83
C ARG A 223 -21.46 -26.13 7.84
N ASP A 224 -20.65 -27.19 7.73
CA ASP A 224 -21.09 -28.59 7.67
C ASP A 224 -21.43 -29.24 9.02
N ASN A 225 -21.22 -28.51 10.15
CA ASN A 225 -21.48 -29.07 11.48
C ASN A 225 -22.33 -28.17 12.42
N GLY A 226 -22.57 -28.71 13.63
CA GLY A 226 -23.36 -28.11 14.70
C GLY A 226 -22.88 -26.77 15.21
N THR A 227 -23.82 -25.89 15.54
CA THR A 227 -23.58 -24.53 16.01
C THR A 227 -23.19 -24.42 17.50
N ASP A 228 -23.52 -25.45 18.32
CA ASP A 228 -23.26 -25.53 19.77
C ASP A 228 -21.83 -25.24 20.20
N ASP A 229 -21.68 -24.91 21.50
CA ASP A 229 -20.42 -24.60 22.16
C ASP A 229 -19.38 -25.72 22.04
N GLN A 230 -19.81 -26.98 22.24
CA GLN A 230 -18.99 -28.19 22.16
C GLN A 230 -18.38 -28.46 20.76
N THR A 231 -19.17 -28.31 19.69
CA THR A 231 -18.69 -28.53 18.31
C THR A 231 -17.66 -27.44 17.93
N ARG A 232 -17.93 -26.18 18.34
CA ARG A 232 -17.06 -25.02 18.15
C ARG A 232 -15.69 -25.22 18.85
N ALA A 233 -15.70 -25.82 20.07
CA ALA A 233 -14.51 -26.13 20.88
C ALA A 233 -13.64 -27.23 20.23
N ASP A 234 -14.29 -28.20 19.55
CA ASP A 234 -13.66 -29.31 18.84
C ASP A 234 -13.01 -28.77 17.58
N ILE A 235 -13.67 -27.78 16.94
CA ILE A 235 -13.17 -27.09 15.74
C ILE A 235 -11.90 -26.31 16.12
N ALA A 236 -11.98 -25.54 17.22
CA ALA A 236 -10.90 -24.74 17.80
C ALA A 236 -9.68 -25.62 18.18
N ARG A 237 -9.93 -26.81 18.77
CA ARG A 237 -8.89 -27.76 19.14
C ARG A 237 -8.22 -28.39 17.91
N ALA A 238 -8.99 -28.82 16.89
CA ALA A 238 -8.48 -29.39 15.64
C ALA A 238 -7.69 -28.33 14.86
N PHE A 239 -8.08 -27.05 14.97
CA PHE A 239 -7.34 -25.96 14.34
C PHE A 239 -6.00 -25.76 15.09
N GLU A 240 -6.06 -25.55 16.42
CA GLU A 240 -4.90 -25.36 17.30
C GLU A 240 -3.90 -26.54 17.21
N ASP A 241 -4.41 -27.79 17.18
CA ASP A 241 -3.57 -28.99 17.06
C ASP A 241 -2.87 -29.07 15.70
N ALA A 242 -3.59 -28.70 14.61
CA ALA A 242 -3.02 -28.64 13.25
C ALA A 242 -1.83 -27.63 13.16
N VAL A 243 -2.00 -26.40 13.72
CA VAL A 243 -0.96 -25.33 13.71
C VAL A 243 0.28 -25.79 14.51
N VAL A 244 0.09 -26.23 15.76
CA VAL A 244 1.12 -26.70 16.70
C VAL A 244 1.90 -27.90 16.13
N ASP A 245 1.19 -28.90 15.53
CA ASP A 245 1.86 -30.06 14.95
C ASP A 245 2.73 -29.66 13.75
N THR A 246 2.23 -28.72 12.91
CA THR A 246 2.94 -28.16 11.74
C THR A 246 4.19 -27.41 12.15
N LEU A 247 4.08 -26.55 13.20
CA LEU A 247 5.21 -25.77 13.74
C LEU A 247 6.24 -26.66 14.39
N MET A 248 5.80 -27.73 15.05
CA MET A 248 6.69 -28.70 15.66
C MET A 248 7.47 -29.52 14.62
N ILE A 249 6.77 -30.01 13.55
CA ILE A 249 7.38 -30.81 12.47
C ILE A 249 8.43 -29.97 11.75
N LYS A 250 8.10 -28.71 11.44
CA LYS A 250 9.06 -27.82 10.80
C LYS A 250 10.29 -27.53 11.66
N CYS A 251 10.11 -27.41 13.01
CA CYS A 251 11.18 -27.17 13.98
C CYS A 251 12.11 -28.36 14.02
N LYS A 252 11.53 -29.57 14.03
CA LYS A 252 12.22 -30.85 14.01
C LYS A 252 13.14 -30.90 12.78
N ARG A 253 12.59 -30.59 11.60
CA ARG A 253 13.33 -30.53 10.34
C ARG A 253 14.45 -29.48 10.37
N ALA A 254 14.20 -28.29 10.94
CA ALA A 254 15.18 -27.21 11.09
C ALA A 254 16.34 -27.65 12.01
N LEU A 255 16.04 -28.31 13.15
CA LEU A 255 17.03 -28.84 14.10
C LEU A 255 17.83 -30.01 13.48
N ASP A 256 17.18 -30.86 12.69
CA ASP A 256 17.83 -31.99 11.98
C ASP A 256 18.74 -31.51 10.84
N GLN A 257 18.31 -30.46 10.12
CA GLN A 257 19.06 -29.84 9.04
C GLN A 257 20.30 -29.04 9.55
N THR A 258 20.16 -28.35 10.70
CA THR A 258 21.24 -27.54 11.30
C THR A 258 22.17 -28.35 12.22
N GLY A 259 21.62 -29.40 12.83
CA GLY A 259 22.33 -30.23 13.81
C GLY A 259 22.34 -29.57 15.19
N PHE A 260 21.49 -28.52 15.40
CA PHE A 260 21.49 -27.79 16.68
C PHE A 260 20.65 -28.50 17.79
N LYS A 261 21.10 -28.39 19.04
CA LYS A 261 20.38 -28.97 20.19
C LYS A 261 19.57 -27.90 20.96
N ARG A 262 19.39 -26.70 20.35
CA ARG A 262 18.66 -25.63 21.01
C ARG A 262 17.58 -25.02 20.13
N LEU A 263 16.39 -24.85 20.72
CA LEU A 263 15.25 -24.28 20.07
C LEU A 263 14.69 -23.10 20.86
N VAL A 264 14.72 -21.93 20.24
CA VAL A 264 14.17 -20.69 20.78
C VAL A 264 12.83 -20.43 20.08
N MET A 265 11.76 -20.20 20.83
CA MET A 265 10.47 -19.86 20.24
C MET A 265 10.06 -18.49 20.77
N ALA A 266 9.69 -17.58 19.86
CA ALA A 266 9.32 -16.21 20.23
C ALA A 266 8.27 -15.62 19.26
N GLY A 267 7.77 -14.44 19.57
CA GLY A 267 6.67 -13.82 18.84
C GLY A 267 5.38 -14.14 19.57
N GLY A 268 4.35 -13.33 19.34
CA GLY A 268 3.05 -13.49 19.98
C GLY A 268 2.50 -14.88 20.13
N VAL A 269 2.63 -15.73 19.09
CA VAL A 269 2.08 -17.10 19.11
C VAL A 269 2.87 -18.01 20.07
N SER A 270 4.14 -17.65 20.41
CA SER A 270 4.94 -18.43 21.36
C SER A 270 4.40 -18.38 22.80
N ALA A 271 3.32 -17.57 23.02
CA ALA A 271 2.58 -17.48 24.29
C ALA A 271 1.59 -18.67 24.40
N ASN A 272 1.31 -19.36 23.28
CA ASN A 272 0.41 -20.51 23.20
C ASN A 272 0.90 -21.66 24.06
N ARG A 273 0.05 -22.08 25.01
CA ARG A 273 0.36 -23.10 26.00
C ARG A 273 0.57 -24.49 25.39
N THR A 274 -0.24 -24.86 24.38
CA THR A 274 -0.12 -26.15 23.69
C THR A 274 1.23 -26.24 22.93
N LEU A 275 1.66 -25.12 22.35
CA LEU A 275 2.92 -25.02 21.62
C LEU A 275 4.11 -25.07 22.56
N ARG A 276 4.05 -24.35 23.70
CA ARG A 276 5.09 -24.37 24.73
C ARG A 276 5.29 -25.81 25.25
N ALA A 277 4.17 -26.53 25.51
CA ALA A 277 4.18 -27.92 25.98
C ALA A 277 4.71 -28.90 24.93
N LYS A 278 4.25 -28.81 23.67
CA LYS A 278 4.69 -29.70 22.58
C LYS A 278 6.15 -29.53 22.21
N LEU A 279 6.65 -28.28 22.18
CA LEU A 279 8.06 -28.00 21.84
C LEU A 279 8.98 -28.41 22.97
N ALA A 280 8.54 -28.21 24.23
CA ALA A 280 9.29 -28.65 25.41
C ALA A 280 9.38 -30.18 25.39
N GLU A 281 8.27 -30.86 25.06
CA GLU A 281 8.13 -32.30 24.97
C GLU A 281 9.12 -32.86 23.93
N MET A 282 9.15 -32.29 22.71
CA MET A 282 10.03 -32.65 21.60
C MET A 282 11.52 -32.49 21.98
N MET A 283 11.89 -31.35 22.61
CA MET A 283 13.26 -31.07 23.04
C MET A 283 13.78 -32.04 24.09
N LYS A 284 12.90 -32.53 24.98
CA LYS A 284 13.31 -33.49 25.98
C LYS A 284 13.62 -34.86 25.33
N LYS A 285 12.84 -35.26 24.32
CA LYS A 285 13.04 -36.53 23.61
C LYS A 285 14.34 -36.52 22.80
N ARG A 286 14.67 -35.36 22.19
CA ARG A 286 15.88 -35.22 21.38
CA ARG A 286 15.86 -35.10 21.37
C ARG A 286 17.11 -34.90 22.23
N ARG A 287 16.93 -34.79 23.56
CA ARG A 287 17.98 -34.52 24.56
C ARG A 287 18.60 -33.12 24.33
N GLY A 288 17.73 -32.19 23.90
CA GLY A 288 18.04 -30.79 23.66
C GLY A 288 17.28 -29.92 24.63
N GLU A 289 17.22 -28.61 24.37
CA GLU A 289 16.52 -27.65 25.24
C GLU A 289 15.67 -26.68 24.45
N VAL A 290 14.54 -26.27 25.05
CA VAL A 290 13.62 -25.27 24.52
C VAL A 290 13.78 -23.98 25.36
N PHE A 291 13.74 -22.82 24.71
CA PHE A 291 13.83 -21.54 25.41
C PHE A 291 12.69 -20.64 24.95
N TYR A 292 11.97 -20.06 25.91
CA TYR A 292 10.88 -19.13 25.64
C TYR A 292 10.83 -18.02 26.69
N ALA A 293 10.21 -16.92 26.33
CA ALA A 293 10.01 -15.81 27.25
C ALA A 293 8.73 -16.07 28.06
N ARG A 294 8.58 -15.35 29.21
CA ARG A 294 7.37 -15.39 30.01
C ARG A 294 6.23 -15.02 29.04
N PRO A 295 5.01 -15.59 29.17
CA PRO A 295 3.93 -15.29 28.19
C PRO A 295 3.75 -13.82 27.77
N GLU A 296 3.95 -12.84 28.70
CA GLU A 296 3.80 -11.39 28.43
C GLU A 296 4.94 -10.78 27.61
N PHE A 297 6.05 -11.51 27.43
CA PHE A 297 7.18 -11.07 26.64
C PHE A 297 7.17 -11.79 25.30
N CYS A 298 6.14 -12.62 25.07
CA CYS A 298 5.94 -13.30 23.80
C CYS A 298 5.27 -12.28 22.85
N THR A 299 4.20 -11.61 23.33
CA THR A 299 3.49 -10.58 22.59
C THR A 299 4.30 -9.27 22.69
N ASP A 300 4.06 -8.31 21.74
CA ASP A 300 4.74 -7.01 21.64
C ASP A 300 4.89 -6.34 22.98
N ASN A 301 6.13 -5.95 23.32
CA ASN A 301 6.44 -5.33 24.61
C ASN A 301 7.69 -4.48 24.51
N GLY A 302 7.90 -3.64 25.51
CA GLY A 302 9.06 -2.76 25.61
C GLY A 302 10.28 -3.43 26.21
N ALA A 303 10.10 -4.54 26.95
CA ALA A 303 11.23 -5.24 27.58
C ALA A 303 12.22 -5.81 26.56
N MET A 304 11.69 -6.46 25.53
CA MET A 304 12.49 -7.01 24.46
C MET A 304 13.25 -5.92 23.67
N ILE A 305 12.69 -4.71 23.57
CA ILE A 305 13.31 -3.58 22.87
C ILE A 305 14.45 -2.97 23.70
N ALA A 306 14.28 -2.72 25.01
CA ALA A 306 15.37 -2.23 25.89
C ALA A 306 16.55 -3.24 25.98
N TYR A 307 16.24 -4.56 25.91
CA TYR A 307 17.28 -5.59 25.91
C TYR A 307 18.05 -5.56 24.58
N ALA A 308 17.35 -5.69 23.42
CA ALA A 308 17.96 -5.65 22.10
C ALA A 308 18.64 -4.28 21.87
N GLY A 309 18.12 -3.26 22.55
CA GLY A 309 18.65 -1.91 22.59
C GLY A 309 20.00 -1.87 23.26
N MET A 310 20.15 -2.55 24.39
CA MET A 310 21.40 -2.74 25.15
C MET A 310 22.44 -3.48 24.29
N VAL A 311 22.00 -4.53 23.56
CA VAL A 311 22.84 -5.35 22.68
C VAL A 311 23.33 -4.52 21.50
N ARG A 312 22.42 -3.81 20.82
CA ARG A 312 22.77 -2.97 19.66
C ARG A 312 23.60 -1.76 20.03
N PHE A 313 23.43 -1.22 21.26
CA PHE A 313 24.22 -0.10 21.77
C PHE A 313 25.70 -0.53 21.97
N LYS A 314 25.93 -1.72 22.56
CA LYS A 314 27.27 -2.28 22.80
C LYS A 314 27.94 -2.69 21.50
N ALA A 315 27.15 -3.03 20.49
CA ALA A 315 27.55 -3.41 19.13
C ALA A 315 27.97 -2.19 18.31
N GLY A 316 27.42 -1.02 18.68
CA GLY A 316 27.69 0.23 18.00
C GLY A 316 26.62 0.75 17.05
N ALA A 317 25.39 0.16 17.08
CA ALA A 317 24.27 0.58 16.20
C ALA A 317 23.58 1.94 16.60
N THR A 318 24.33 3.06 16.59
CA THR A 318 23.80 4.37 16.97
C THR A 318 23.29 5.17 15.78
N ALA A 319 22.15 5.91 15.96
CA ALA A 319 21.54 6.73 14.92
C ALA A 319 22.02 8.15 14.98
N ASP A 320 22.11 8.83 13.80
CA ASP A 320 22.39 10.26 13.71
C ASP A 320 21.02 10.97 13.96
N LEU A 321 20.93 12.29 13.77
CA LEU A 321 19.69 13.03 14.08
C LEU A 321 18.44 12.68 13.23
N GLY A 322 18.63 12.10 12.04
CA GLY A 322 17.53 11.65 11.19
C GLY A 322 16.66 10.59 11.85
N VAL A 323 15.35 10.62 11.59
CA VAL A 323 14.42 9.62 12.13
C VAL A 323 13.98 8.75 10.95
N SER A 324 14.29 7.46 10.98
CA SER A 324 13.86 6.63 9.86
C SER A 324 13.24 5.33 10.34
N VAL A 325 12.11 4.98 9.71
CA VAL A 325 11.32 3.78 10.00
C VAL A 325 11.33 2.88 8.78
N ARG A 326 11.21 1.55 8.99
CA ARG A 326 11.21 0.52 7.93
C ARG A 326 10.01 -0.42 8.18
N PRO A 327 8.90 -0.29 7.39
CA PRO A 327 7.74 -1.18 7.61
C PRO A 327 8.04 -2.64 7.33
N ARG A 328 9.01 -2.86 6.44
CA ARG A 328 9.55 -4.14 6.00
C ARG A 328 11.06 -4.01 6.25
N TRP A 329 11.64 -4.95 6.96
CA TRP A 329 13.06 -4.91 7.33
C TRP A 329 13.49 -6.34 7.54
N PRO A 330 14.39 -6.89 6.69
CA PRO A 330 14.77 -8.30 6.84
C PRO A 330 15.80 -8.52 7.95
N LEU A 331 15.61 -9.60 8.70
CA LEU A 331 16.47 -10.01 9.82
C LEU A 331 17.89 -10.32 9.29
N ALA A 332 17.97 -10.70 8.01
CA ALA A 332 19.21 -10.99 7.30
C ALA A 332 20.07 -9.73 7.08
N GLU A 333 19.44 -8.56 6.95
CA GLU A 333 20.13 -7.29 6.75
C GLU A 333 20.90 -6.79 8.02
N LEU A 334 20.56 -7.29 9.23
CA LEU A 334 21.23 -6.82 10.45
C LEU A 334 22.72 -7.22 10.51
N PRO A 335 23.62 -6.28 10.88
CA PRO A 335 25.06 -6.58 10.96
C PRO A 335 25.47 -7.54 12.09
N ALA A 336 26.53 -8.36 11.85
CA ALA A 336 27.08 -9.29 12.86
C ALA A 336 27.67 -8.46 13.98
N ALA A 337 27.45 -8.89 15.23
CA ALA A 337 27.92 -8.19 16.42
C ALA A 337 28.17 -9.16 17.56
N HIS A 338 28.93 -8.71 18.59
CA HIS A 338 29.22 -9.52 19.78
C HIS A 338 28.06 -9.45 20.75
N HIS A 339 27.94 -10.49 21.59
CA HIS A 339 26.96 -10.62 22.66
C HIS A 339 27.65 -10.50 24.05
N HIS A 340 27.43 -9.36 24.73
CA HIS A 340 27.98 -9.04 26.06
C HIS A 340 26.95 -9.25 27.17
N HIS A 341 26.38 -10.44 27.26
CA HIS A 341 25.40 -10.76 28.29
C HIS A 341 26.16 -11.32 29.48
N HIS A 342 26.11 -10.64 30.63
CA HIS A 342 26.82 -11.10 31.84
C HIS A 342 26.09 -10.69 33.13
N MET B 1 -28.71 2.08 -6.07
CA MET B 1 -27.81 1.15 -6.76
C MET B 1 -26.36 1.39 -6.41
N ARG B 2 -25.56 0.30 -6.43
CA ARG B 2 -24.12 0.31 -6.14
C ARG B 2 -23.33 -0.41 -7.23
N VAL B 3 -22.26 0.24 -7.70
CA VAL B 3 -21.37 -0.28 -8.73
C VAL B 3 -19.95 -0.31 -8.17
N LEU B 4 -19.25 -1.46 -8.35
CA LEU B 4 -17.84 -1.58 -8.01
C LEU B 4 -17.08 -1.25 -9.30
N GLY B 5 -16.17 -0.28 -9.23
CA GLY B 5 -15.36 0.16 -10.35
C GLY B 5 -13.91 -0.22 -10.18
N ILE B 6 -13.29 -0.75 -11.27
CA ILE B 6 -11.92 -1.24 -11.31
C ILE B 6 -11.15 -0.50 -12.36
N GLU B 7 -10.03 0.09 -11.98
CA GLU B 7 -9.15 0.88 -12.84
C GLU B 7 -7.70 0.34 -12.83
N THR B 8 -7.23 -0.20 -13.98
CA THR B 8 -5.85 -0.75 -14.14
C THR B 8 -5.30 -0.38 -15.53
N SER B 9 -5.60 0.84 -16.02
CA SER B 9 -5.21 1.38 -17.31
C SER B 9 -3.68 1.51 -17.56
N CYS B 10 -2.98 2.08 -16.57
CA CYS B 10 -1.56 2.41 -16.63
C CYS B 10 -0.78 1.85 -15.43
N ASP B 11 -0.32 2.71 -14.50
CA ASP B 11 0.50 2.38 -13.33
C ASP B 11 -0.15 2.67 -11.98
N GLU B 12 -1.48 2.71 -11.95
CA GLU B 12 -2.25 2.94 -10.73
C GLU B 12 -3.42 1.96 -10.68
N THR B 13 -3.53 1.20 -9.58
CA THR B 13 -4.65 0.26 -9.37
C THR B 13 -5.67 1.03 -8.55
N GLY B 14 -6.81 1.31 -9.14
CA GLY B 14 -7.87 2.05 -8.50
C GLY B 14 -9.12 1.23 -8.36
N ILE B 15 -9.71 1.20 -7.16
CA ILE B 15 -10.94 0.48 -6.86
C ILE B 15 -11.88 1.40 -6.05
N ALA B 16 -13.08 1.61 -6.53
CA ALA B 16 -14.06 2.40 -5.78
C ALA B 16 -15.41 1.70 -5.83
N ILE B 17 -16.38 2.22 -5.03
CA ILE B 17 -17.77 1.76 -4.99
C ILE B 17 -18.59 3.02 -5.00
N TYR B 18 -19.51 3.11 -5.94
CA TYR B 18 -20.37 4.28 -6.09
C TYR B 18 -21.81 3.86 -5.96
N ASP B 19 -22.55 4.58 -5.10
CA ASP B 19 -23.98 4.45 -4.81
C ASP B 19 -24.66 5.62 -5.52
N ASP B 20 -25.69 5.37 -6.33
CA ASP B 20 -26.35 6.46 -7.06
C ASP B 20 -27.12 7.46 -6.15
N GLU B 21 -27.45 7.06 -4.91
CA GLU B 21 -28.13 7.93 -3.93
C GLU B 21 -27.15 8.54 -2.94
N LYS B 22 -26.24 7.72 -2.37
CA LYS B 22 -25.28 8.13 -1.34
C LYS B 22 -23.93 8.64 -1.85
N GLY B 23 -23.65 8.44 -3.12
CA GLY B 23 -22.37 8.84 -3.68
C GLY B 23 -21.31 7.79 -3.47
N LEU B 24 -20.06 8.25 -3.28
CA LEU B 24 -18.89 7.40 -3.12
C LEU B 24 -18.81 6.70 -1.75
N LEU B 25 -18.84 5.35 -1.75
CA LEU B 25 -18.80 4.55 -0.51
C LEU B 25 -17.41 4.00 -0.16
N ALA B 26 -16.54 3.88 -1.17
CA ALA B 26 -15.19 3.36 -0.98
C ALA B 26 -14.31 3.86 -2.09
N ASN B 27 -13.02 4.03 -1.80
CA ASN B 27 -12.00 4.49 -2.73
C ASN B 27 -10.64 4.01 -2.28
N GLN B 28 -10.03 3.12 -3.06
CA GLN B 28 -8.74 2.51 -2.79
C GLN B 28 -7.80 2.75 -3.96
N LEU B 29 -6.53 3.01 -3.65
CA LEU B 29 -5.53 3.33 -4.65
C LEU B 29 -4.15 2.84 -4.27
N TYR B 30 -3.47 2.20 -5.21
CA TYR B 30 -2.07 1.84 -5.08
C TYR B 30 -1.35 2.41 -6.27
N SER B 31 -0.37 3.30 -6.03
CA SER B 31 0.44 3.86 -7.10
C SER B 31 1.74 3.07 -7.23
N GLN B 32 2.12 2.72 -8.47
CA GLN B 32 3.34 1.97 -8.78
C GLN B 32 4.55 2.90 -9.05
N VAL B 33 4.57 4.08 -8.42
CA VAL B 33 5.60 5.12 -8.63
C VAL B 33 7.05 4.61 -8.32
N LYS B 34 7.26 3.90 -7.18
CA LYS B 34 8.57 3.36 -6.78
C LYS B 34 9.15 2.34 -7.77
N LEU B 35 8.26 1.57 -8.42
CA LEU B 35 8.58 0.53 -9.39
C LEU B 35 9.13 1.09 -10.71
N HIS B 36 8.54 2.18 -11.23
CA HIS B 36 8.91 2.75 -12.52
C HIS B 36 9.93 3.87 -12.45
N ALA B 37 10.21 4.39 -11.23
CA ALA B 37 11.11 5.53 -11.00
C ALA B 37 12.49 5.33 -11.59
N ASP B 38 13.14 4.23 -11.23
CA ASP B 38 14.50 3.86 -11.63
C ASP B 38 14.66 3.55 -13.13
N TYR B 39 13.54 3.59 -13.90
CA TYR B 39 13.49 3.34 -15.34
C TYR B 39 13.15 4.57 -16.16
N GLY B 40 12.66 5.63 -15.51
CA GLY B 40 12.30 6.90 -16.15
C GLY B 40 11.06 6.85 -17.02
N GLY B 41 10.22 5.86 -16.77
CA GLY B 41 8.98 5.66 -17.50
C GLY B 41 8.29 4.40 -17.07
N VAL B 42 7.05 4.21 -17.51
CA VAL B 42 6.29 3.01 -17.18
C VAL B 42 6.78 1.84 -18.04
N VAL B 43 7.24 0.77 -17.38
CA VAL B 43 7.69 -0.48 -17.99
C VAL B 43 6.41 -1.32 -18.02
N PRO B 44 5.84 -1.54 -19.23
CA PRO B 44 4.50 -2.17 -19.33
C PRO B 44 4.35 -3.53 -18.66
N GLU B 45 5.40 -4.32 -18.75
CA GLU B 45 5.44 -5.67 -18.23
C GLU B 45 5.44 -5.67 -16.70
N LEU B 46 6.16 -4.71 -16.10
CA LEU B 46 6.22 -4.53 -14.66
C LEU B 46 4.90 -4.01 -14.11
N ALA B 47 4.23 -3.10 -14.86
CA ALA B 47 2.93 -2.53 -14.47
C ALA B 47 1.88 -3.64 -14.43
N SER B 48 1.90 -4.55 -15.42
CA SER B 48 0.98 -5.70 -15.48
C SER B 48 1.17 -6.63 -14.28
N ARG B 49 2.43 -6.92 -13.92
CA ARG B 49 2.74 -7.79 -12.79
C ARG B 49 2.25 -7.23 -11.47
N ASP B 50 2.38 -5.93 -11.30
CA ASP B 50 2.00 -5.23 -10.09
C ASP B 50 0.51 -5.08 -9.93
N HIS B 51 -0.24 -4.96 -11.04
CA HIS B 51 -1.69 -4.87 -11.01
C HIS B 51 -2.27 -6.19 -10.49
N VAL B 52 -1.62 -7.31 -10.84
CA VAL B 52 -2.02 -8.66 -10.39
C VAL B 52 -1.93 -8.78 -8.86
N ARG B 53 -0.88 -8.19 -8.28
CA ARG B 53 -0.62 -8.19 -6.85
C ARG B 53 -1.60 -7.33 -6.05
N LYS B 54 -2.04 -6.20 -6.64
CA LYS B 54 -2.85 -5.22 -5.93
C LYS B 54 -4.36 -5.22 -6.18
N THR B 55 -4.86 -5.79 -7.31
CA THR B 55 -6.29 -5.72 -7.66
C THR B 55 -7.22 -6.35 -6.62
N VAL B 56 -7.07 -7.64 -6.36
CA VAL B 56 -7.91 -8.37 -5.40
C VAL B 56 -7.81 -7.75 -3.97
N PRO B 57 -6.60 -7.48 -3.38
CA PRO B 57 -6.55 -6.87 -2.04
C PRO B 57 -7.23 -5.50 -1.96
N LEU B 58 -7.19 -4.73 -3.07
CA LEU B 58 -7.86 -3.43 -3.07
C LEU B 58 -9.37 -3.58 -3.18
N ILE B 59 -9.87 -4.68 -3.80
CA ILE B 59 -11.32 -5.00 -3.89
C ILE B 59 -11.83 -5.36 -2.47
N GLN B 60 -11.11 -6.22 -1.77
CA GLN B 60 -11.41 -6.67 -0.40
C GLN B 60 -11.40 -5.48 0.57
N ALA B 61 -10.40 -4.58 0.46
CA ALA B 61 -10.27 -3.36 1.26
C ALA B 61 -11.44 -2.39 0.98
N ALA B 62 -11.88 -2.27 -0.30
CA ALA B 62 -13.03 -1.41 -0.65
C ALA B 62 -14.35 -1.97 -0.11
N LEU B 63 -14.50 -3.31 -0.07
CA LEU B 63 -15.71 -3.93 0.51
C LEU B 63 -15.72 -3.77 2.06
N LYS B 64 -14.51 -3.77 2.66
CA LYS B 64 -14.30 -3.59 4.09
C LYS B 64 -14.58 -2.12 4.45
N GLU B 65 -14.01 -1.18 3.69
CA GLU B 65 -14.20 0.26 3.90
C GLU B 65 -15.71 0.69 3.87
N SER B 66 -16.47 0.18 2.91
CA SER B 66 -17.90 0.47 2.77
C SER B 66 -18.80 -0.42 3.64
N GLY B 67 -18.23 -1.48 4.23
CA GLY B 67 -18.94 -2.47 5.05
C GLY B 67 -19.99 -3.23 4.26
N LEU B 68 -19.78 -3.34 2.95
CA LEU B 68 -20.69 -4.04 2.07
C LEU B 68 -20.25 -5.46 1.85
N THR B 69 -21.22 -6.30 1.47
CA THR B 69 -20.99 -7.71 1.09
C THR B 69 -21.32 -7.80 -0.40
N ALA B 70 -21.07 -8.98 -1.03
CA ALA B 70 -21.32 -9.27 -2.45
C ALA B 70 -22.72 -8.91 -2.92
N LYS B 71 -23.75 -9.21 -2.10
CA LYS B 71 -25.18 -8.95 -2.34
C LYS B 71 -25.51 -7.47 -2.53
N ASP B 72 -24.69 -6.56 -1.96
CA ASP B 72 -24.91 -5.12 -2.08
C ASP B 72 -24.39 -4.54 -3.40
N ILE B 73 -23.60 -5.30 -4.19
CA ILE B 73 -23.06 -4.83 -5.47
C ILE B 73 -23.99 -5.21 -6.62
N ASP B 74 -24.43 -4.20 -7.40
CA ASP B 74 -25.35 -4.38 -8.52
C ASP B 74 -24.69 -4.61 -9.88
N ALA B 75 -23.45 -4.16 -10.05
CA ALA B 75 -22.68 -4.36 -11.28
C ALA B 75 -21.21 -4.12 -11.02
N VAL B 76 -20.38 -4.71 -11.87
CA VAL B 76 -18.93 -4.54 -11.82
C VAL B 76 -18.53 -3.81 -13.11
N ALA B 77 -17.83 -2.69 -12.95
CA ALA B 77 -17.32 -1.90 -14.06
C ALA B 77 -15.80 -1.93 -14.01
N TYR B 78 -15.19 -1.94 -15.16
CA TYR B 78 -13.74 -2.01 -15.29
C TYR B 78 -13.34 -1.28 -16.54
N THR B 79 -12.18 -0.60 -16.50
CA THR B 79 -11.63 0.11 -17.65
C THR B 79 -11.24 -0.95 -18.71
N ALA B 80 -11.89 -0.91 -19.88
CA ALA B 80 -11.55 -1.80 -21.01
C ALA B 80 -10.63 -1.06 -21.98
N GLY B 81 -10.30 0.20 -21.66
CA GLY B 81 -9.39 1.01 -22.47
C GLY B 81 -9.80 2.46 -22.56
N PRO B 82 -8.98 3.36 -23.16
CA PRO B 82 -7.64 3.12 -23.74
C PRO B 82 -6.58 2.91 -22.64
N GLY B 83 -5.39 2.46 -23.03
CA GLY B 83 -4.30 2.22 -22.09
C GLY B 83 -3.32 1.15 -22.53
N LEU B 84 -2.54 0.61 -21.59
CA LEU B 84 -1.55 -0.45 -21.83
C LEU B 84 -2.31 -1.78 -21.81
N VAL B 85 -2.35 -2.52 -22.95
CA VAL B 85 -3.07 -3.81 -23.14
C VAL B 85 -2.90 -4.77 -21.93
N GLY B 86 -1.66 -5.01 -21.53
CA GLY B 86 -1.32 -5.87 -20.40
C GLY B 86 -1.91 -5.42 -19.07
N ALA B 87 -1.90 -4.11 -18.82
CA ALA B 87 -2.43 -3.53 -17.59
C ALA B 87 -3.96 -3.64 -17.59
N LEU B 88 -4.61 -3.26 -18.72
CA LEU B 88 -6.06 -3.31 -18.95
C LEU B 88 -6.62 -4.72 -18.76
N LEU B 89 -5.90 -5.75 -19.27
CA LEU B 89 -6.30 -7.14 -19.12
C LEU B 89 -6.36 -7.60 -17.66
N VAL B 90 -5.50 -7.05 -16.75
CA VAL B 90 -5.54 -7.46 -15.34
C VAL B 90 -6.92 -7.10 -14.73
N GLY B 91 -7.29 -5.83 -14.72
CA GLY B 91 -8.57 -5.39 -14.17
C GLY B 91 -9.80 -5.95 -14.88
N ALA B 92 -9.70 -6.10 -16.23
CA ALA B 92 -10.79 -6.61 -17.07
C ALA B 92 -11.08 -8.10 -16.88
N THR B 93 -10.05 -8.93 -16.64
CA THR B 93 -10.27 -10.38 -16.41
C THR B 93 -10.80 -10.61 -14.98
N VAL B 94 -10.23 -9.86 -14.01
CA VAL B 94 -10.63 -9.91 -12.61
C VAL B 94 -12.09 -9.45 -12.50
N GLY B 95 -12.39 -8.29 -13.08
CA GLY B 95 -13.72 -7.67 -13.04
C GLY B 95 -14.80 -8.52 -13.68
N ARG B 96 -14.54 -9.03 -14.87
CA ARG B 96 -15.46 -9.85 -15.65
C ARG B 96 -15.73 -11.20 -15.00
N SER B 97 -14.69 -11.87 -14.48
CA SER B 97 -14.90 -13.16 -13.79
C SER B 97 -15.52 -12.92 -12.42
N LEU B 98 -15.21 -11.77 -11.78
CA LEU B 98 -15.82 -11.37 -10.50
C LEU B 98 -17.32 -11.15 -10.74
N ALA B 99 -17.68 -10.39 -11.79
CA ALA B 99 -19.08 -10.12 -12.16
C ALA B 99 -19.83 -11.43 -12.46
N PHE B 100 -19.14 -12.40 -13.11
CA PHE B 100 -19.68 -13.74 -13.39
C PHE B 100 -19.98 -14.48 -12.07
N ALA B 101 -18.99 -14.61 -11.15
CA ALA B 101 -19.14 -15.32 -9.85
C ALA B 101 -20.20 -14.69 -8.91
N TRP B 102 -20.34 -13.35 -8.95
CA TRP B 102 -21.32 -12.59 -8.18
C TRP B 102 -22.67 -12.57 -8.90
N ASP B 103 -22.73 -13.05 -10.17
CA ASP B 103 -23.95 -13.09 -10.99
C ASP B 103 -24.60 -11.70 -11.10
N VAL B 104 -23.81 -10.72 -11.54
CA VAL B 104 -24.20 -9.32 -11.70
C VAL B 104 -23.73 -8.87 -13.09
N PRO B 105 -24.35 -7.84 -13.72
CA PRO B 105 -23.87 -7.39 -15.05
C PRO B 105 -22.45 -6.79 -14.97
N ALA B 106 -21.69 -6.92 -16.07
CA ALA B 106 -20.33 -6.41 -16.22
C ALA B 106 -20.40 -5.27 -17.19
N ILE B 107 -19.72 -4.17 -16.83
CA ILE B 107 -19.76 -2.94 -17.59
C ILE B 107 -18.35 -2.54 -18.06
N PRO B 108 -17.99 -2.75 -19.35
CA PRO B 108 -16.68 -2.26 -19.84
C PRO B 108 -16.78 -0.74 -19.93
N VAL B 109 -15.73 -0.04 -19.47
CA VAL B 109 -15.76 1.42 -19.38
C VAL B 109 -14.57 2.06 -20.16
N HIS B 110 -14.86 3.22 -20.80
CA HIS B 110 -13.89 4.05 -21.52
C HIS B 110 -13.20 4.92 -20.45
N HIS B 111 -11.88 4.79 -20.34
CA HIS B 111 -11.09 5.53 -19.35
C HIS B 111 -11.24 7.07 -19.44
N MET B 112 -11.25 7.65 -20.67
CA MET B 112 -11.36 9.09 -20.87
C MET B 112 -12.76 9.61 -20.57
N GLU B 113 -13.77 8.72 -20.67
CA GLU B 113 -15.15 9.05 -20.28
C GLU B 113 -15.16 9.14 -18.75
N GLY B 114 -14.39 8.27 -18.09
CA GLY B 114 -14.18 8.29 -16.64
C GLY B 114 -13.60 9.63 -16.21
N HIS B 115 -12.45 10.02 -16.82
CA HIS B 115 -11.81 11.32 -16.59
C HIS B 115 -12.78 12.50 -16.86
N LEU B 116 -13.50 12.48 -18.01
CA LEU B 116 -14.47 13.50 -18.41
C LEU B 116 -15.57 13.70 -17.35
N LEU B 117 -16.10 12.62 -16.77
CA LEU B 117 -17.21 12.65 -15.82
C LEU B 117 -16.79 12.76 -14.34
N ALA B 118 -15.48 12.73 -14.04
CA ALA B 118 -14.97 12.88 -12.67
C ALA B 118 -15.50 14.15 -11.95
N PRO B 119 -15.64 15.36 -12.58
CA PRO B 119 -16.26 16.49 -11.87
C PRO B 119 -17.69 16.27 -11.32
N MET B 120 -18.40 15.22 -11.78
CA MET B 120 -19.76 14.87 -11.29
C MET B 120 -19.72 14.26 -9.88
N LEU B 121 -18.54 13.93 -9.39
CA LEU B 121 -18.32 13.36 -8.06
C LEU B 121 -18.18 14.46 -7.01
N GLU B 122 -18.26 15.71 -7.43
CA GLU B 122 -18.16 16.87 -6.57
C GLU B 122 -19.51 17.58 -6.54
N ASP B 123 -19.65 18.52 -5.59
CA ASP B 123 -20.83 19.37 -5.47
C ASP B 123 -20.86 20.32 -6.68
N ASN B 124 -22.07 20.69 -7.10
CA ASN B 124 -22.34 21.54 -8.27
C ASN B 124 -21.74 20.95 -9.58
N PRO B 125 -22.29 19.79 -10.05
CA PRO B 125 -21.76 19.17 -11.27
C PRO B 125 -22.08 19.97 -12.54
N PRO B 126 -21.35 19.78 -13.66
CA PRO B 126 -21.69 20.53 -14.88
C PRO B 126 -22.92 20.01 -15.62
N GLU B 127 -23.77 20.94 -16.08
CA GLU B 127 -24.91 20.63 -16.94
C GLU B 127 -24.39 20.63 -18.39
N PHE B 128 -25.08 19.90 -19.26
CA PHE B 128 -24.80 19.84 -20.68
C PHE B 128 -25.37 21.11 -21.34
N PRO B 129 -24.69 21.67 -22.37
CA PRO B 129 -23.40 21.24 -22.93
C PRO B 129 -22.20 21.89 -22.24
N PHE B 130 -21.03 21.29 -22.44
CA PHE B 130 -19.76 21.84 -21.98
C PHE B 130 -18.61 21.42 -22.90
N VAL B 131 -17.55 22.22 -22.87
CA VAL B 131 -16.31 21.91 -23.55
C VAL B 131 -15.52 21.14 -22.50
N ALA B 132 -14.92 20.01 -22.91
CA ALA B 132 -14.04 19.24 -22.03
C ALA B 132 -12.60 19.31 -22.51
N LEU B 133 -11.68 19.71 -21.65
CA LEU B 133 -10.26 19.66 -21.93
C LEU B 133 -9.74 18.37 -21.21
N LEU B 134 -9.40 17.31 -21.98
CA LEU B 134 -8.90 16.04 -21.45
C LEU B 134 -7.38 16.05 -21.59
N VAL B 135 -6.69 16.24 -20.47
CA VAL B 135 -5.27 16.48 -20.44
C VAL B 135 -4.54 15.54 -19.45
N SER B 136 -4.01 14.43 -19.99
CA SER B 136 -3.33 13.39 -19.22
C SER B 136 -1.96 12.99 -19.80
N GLY B 137 -1.43 11.88 -19.29
CA GLY B 137 -0.16 11.31 -19.74
C GLY B 137 -0.27 10.75 -21.15
N GLY B 138 -1.40 10.12 -21.46
CA GLY B 138 -1.64 9.55 -22.77
C GLY B 138 -2.36 10.44 -23.77
N HIS B 139 -3.29 11.29 -23.30
CA HIS B 139 -4.13 12.12 -24.16
C HIS B 139 -4.08 13.61 -23.84
N THR B 140 -4.36 14.43 -24.86
CA THR B 140 -4.55 15.88 -24.82
C THR B 140 -5.58 16.20 -25.90
N GLN B 141 -6.85 16.38 -25.48
CA GLN B 141 -7.97 16.62 -26.41
C GLN B 141 -8.96 17.67 -25.90
N LEU B 142 -9.57 18.43 -26.83
CA LEU B 142 -10.69 19.33 -26.56
C LEU B 142 -11.90 18.58 -27.10
N ILE B 143 -12.96 18.47 -26.30
CA ILE B 143 -14.16 17.74 -26.70
C ILE B 143 -15.38 18.62 -26.49
N SER B 144 -16.33 18.56 -27.43
CA SER B 144 -17.60 19.24 -27.34
C SER B 144 -18.58 18.20 -26.83
N VAL B 145 -18.96 18.34 -25.54
CA VAL B 145 -19.86 17.40 -24.86
C VAL B 145 -21.29 17.95 -24.82
N THR B 146 -22.21 17.32 -25.60
CA THR B 146 -23.62 17.73 -25.61
C THR B 146 -24.50 16.75 -24.80
N GLY B 147 -23.94 15.64 -24.40
CA GLY B 147 -24.63 14.63 -23.58
C GLY B 147 -23.74 13.42 -23.38
N ILE B 148 -24.27 12.40 -22.68
CA ILE B 148 -23.51 11.15 -22.48
C ILE B 148 -23.41 10.47 -23.87
N GLY B 149 -22.19 10.16 -24.29
CA GLY B 149 -21.94 9.51 -25.58
C GLY B 149 -22.12 10.41 -26.79
N GLN B 150 -22.23 11.72 -26.56
CA GLN B 150 -22.32 12.71 -27.64
C GLN B 150 -21.07 13.57 -27.48
N TYR B 151 -19.91 13.00 -27.89
CA TYR B 151 -18.57 13.59 -27.78
C TYR B 151 -17.99 13.89 -29.15
N GLU B 152 -17.87 15.19 -29.46
CA GLU B 152 -17.27 15.66 -30.70
C GLU B 152 -15.83 16.11 -30.43
N LEU B 153 -14.84 15.42 -31.06
CA LEU B 153 -13.44 15.78 -30.96
C LEU B 153 -13.24 17.11 -31.67
N LEU B 154 -12.78 18.11 -30.94
CA LEU B 154 -12.57 19.44 -31.52
C LEU B 154 -11.12 19.61 -31.95
N GLY B 155 -10.23 19.24 -31.04
CA GLY B 155 -8.80 19.31 -31.24
C GLY B 155 -8.10 18.18 -30.54
N GLU B 156 -6.85 17.96 -30.87
CA GLU B 156 -6.04 16.89 -30.31
C GLU B 156 -4.56 17.18 -30.53
N SER B 157 -3.70 16.52 -29.74
CA SER B 157 -2.26 16.70 -29.89
C SER B 157 -1.76 15.96 -31.14
N ILE B 158 -0.88 16.62 -31.91
CA ILE B 158 -0.29 16.07 -33.14
C ILE B 158 0.99 15.28 -32.84
N ASP B 159 1.50 15.41 -31.59
CA ASP B 159 2.74 14.79 -31.13
C ASP B 159 2.61 14.26 -29.69
N ASP B 160 3.20 14.95 -28.68
CA ASP B 160 3.10 14.54 -27.28
C ASP B 160 1.88 15.11 -26.59
N ALA B 161 1.34 14.32 -25.65
CA ALA B 161 0.25 14.70 -24.75
C ALA B 161 0.90 15.65 -23.74
N ALA B 162 0.14 16.60 -23.20
CA ALA B 162 0.65 17.56 -22.20
C ALA B 162 1.27 16.87 -20.96
N GLY B 163 0.76 15.71 -20.57
CA GLY B 163 1.31 14.93 -19.46
C GLY B 163 2.74 14.48 -19.75
N GLU B 164 2.96 13.87 -20.95
CA GLU B 164 4.25 13.41 -21.47
C GLU B 164 5.24 14.58 -21.45
N ALA B 165 4.83 15.76 -22.00
CA ALA B 165 5.63 16.97 -22.08
C ALA B 165 6.11 17.45 -20.71
N PHE B 166 5.25 17.34 -19.67
CA PHE B 166 5.59 17.66 -18.28
C PHE B 166 6.62 16.63 -17.78
N ASP B 167 6.37 15.32 -18.01
CA ASP B 167 7.32 14.26 -17.62
C ASP B 167 8.71 14.37 -18.26
N LYS B 168 8.79 14.72 -19.57
CA LYS B 168 10.07 14.82 -20.30
C LYS B 168 10.95 16.01 -19.89
N THR B 169 10.33 17.19 -19.67
CA THR B 169 11.04 18.40 -19.22
C THR B 169 11.54 18.22 -17.78
N ALA B 170 10.75 17.52 -16.95
CA ALA B 170 11.09 17.24 -15.55
C ALA B 170 12.32 16.37 -15.47
N LYS B 171 12.41 15.35 -16.35
CA LYS B 171 13.56 14.44 -16.47
C LYS B 171 14.86 15.22 -16.83
N LEU B 172 14.75 16.26 -17.68
CA LEU B 172 15.85 17.14 -18.06
C LEU B 172 16.24 18.09 -16.93
N LEU B 173 15.30 18.35 -15.97
CA LEU B 173 15.54 19.21 -14.80
C LEU B 173 16.14 18.42 -13.62
N GLY B 174 16.41 17.14 -13.86
CA GLY B 174 16.99 16.20 -12.91
C GLY B 174 16.01 15.62 -11.91
N LEU B 175 14.71 15.53 -12.29
CA LEU B 175 13.62 15.05 -11.43
C LEU B 175 13.17 13.60 -11.71
N ASP B 176 12.57 12.95 -10.69
CA ASP B 176 12.11 11.57 -10.71
C ASP B 176 10.79 11.41 -11.47
N TYR B 177 10.60 10.25 -12.14
CA TYR B 177 9.43 9.93 -12.98
C TYR B 177 8.25 9.39 -12.16
N PRO B 178 7.01 9.92 -12.31
CA PRO B 178 6.61 11.05 -13.18
C PRO B 178 6.92 12.43 -12.61
N GLY B 179 7.59 13.25 -13.39
CA GLY B 179 8.01 14.58 -12.98
C GLY B 179 7.00 15.71 -12.95
N GLY B 180 5.91 15.60 -13.70
CA GLY B 180 4.85 16.61 -13.76
C GLY B 180 4.57 17.31 -12.44
N PRO B 181 4.10 16.58 -11.39
CA PRO B 181 3.83 17.22 -10.08
C PRO B 181 5.05 17.88 -9.42
N LEU B 182 6.25 17.26 -9.58
CA LEU B 182 7.52 17.77 -9.04
C LEU B 182 8.00 19.04 -9.76
N LEU B 183 7.76 19.11 -11.09
CA LEU B 183 8.11 20.27 -11.92
C LEU B 183 7.23 21.44 -11.48
N SER B 184 5.92 21.17 -11.24
CA SER B 184 4.98 22.17 -10.77
C SER B 184 5.46 22.82 -9.46
N LYS B 185 5.93 22.01 -8.49
CA LYS B 185 6.44 22.45 -7.18
C LYS B 185 7.73 23.27 -7.29
N MET B 186 8.59 22.91 -8.26
CA MET B 186 9.84 23.61 -8.55
C MET B 186 9.52 24.96 -9.21
N ALA B 187 8.50 24.98 -10.09
CA ALA B 187 8.04 26.16 -10.80
C ALA B 187 7.47 27.26 -9.89
N ALA B 188 7.02 26.89 -8.68
CA ALA B 188 6.45 27.83 -7.68
C ALA B 188 7.52 28.81 -7.17
N GLN B 189 8.78 28.37 -7.14
CA GLN B 189 9.95 29.14 -6.71
C GLN B 189 10.54 30.02 -7.83
N GLY B 190 10.06 29.81 -9.07
CA GLY B 190 10.55 30.52 -10.24
C GLY B 190 10.13 31.95 -10.37
N THR B 191 10.99 32.74 -11.05
CA THR B 191 10.79 34.16 -11.38
C THR B 191 9.97 34.22 -12.66
N ALA B 192 8.78 34.86 -12.60
CA ALA B 192 7.84 35.02 -13.72
C ALA B 192 8.41 35.92 -14.82
N GLY B 193 8.38 35.42 -16.05
CA GLY B 193 8.85 36.14 -17.22
C GLY B 193 10.35 36.15 -17.41
N ARG B 194 11.12 35.55 -16.47
CA ARG B 194 12.58 35.47 -16.57
C ARG B 194 12.94 34.88 -17.93
N PHE B 195 12.37 33.70 -18.25
CA PHE B 195 12.50 33.04 -19.55
C PHE B 195 11.11 32.99 -20.15
N VAL B 196 11.02 33.17 -21.48
CA VAL B 196 9.74 33.15 -22.18
C VAL B 196 9.83 32.08 -23.26
N PHE B 197 9.05 31.01 -23.08
CA PHE B 197 8.93 29.87 -23.99
C PHE B 197 7.79 30.17 -24.99
N PRO B 198 7.76 29.55 -26.19
CA PRO B 198 6.64 29.84 -27.11
C PRO B 198 5.34 29.14 -26.66
N ARG B 199 4.20 29.60 -27.18
CA ARG B 199 2.90 28.99 -26.93
C ARG B 199 2.60 28.28 -28.28
N PRO B 200 3.04 27.01 -28.47
CA PRO B 200 2.84 26.37 -29.78
C PRO B 200 1.41 26.24 -30.25
N MET B 201 1.22 26.53 -31.56
CA MET B 201 -0.02 26.47 -32.35
C MET B 201 -1.03 27.56 -31.96
N THR B 202 -0.55 28.69 -31.42
CA THR B 202 -1.38 29.84 -31.04
C THR B 202 -1.22 31.02 -32.04
N ASP B 203 -0.44 30.79 -33.12
CA ASP B 203 -0.10 31.75 -34.19
C ASP B 203 -1.21 31.88 -35.23
N ARG B 204 -1.80 30.74 -35.60
CA ARG B 204 -2.87 30.57 -36.59
C ARG B 204 -4.13 30.02 -35.89
N PRO B 205 -5.33 30.12 -36.47
CA PRO B 205 -6.51 29.49 -35.83
C PRO B 205 -6.42 27.95 -35.88
N GLY B 206 -7.28 27.28 -35.10
CA GLY B 206 -7.31 25.82 -35.00
C GLY B 206 -7.26 25.39 -33.55
N LEU B 207 -7.67 24.14 -33.30
CA LEU B 207 -7.79 23.59 -31.95
C LEU B 207 -6.85 22.40 -31.69
N ASP B 208 -5.90 22.16 -32.60
CA ASP B 208 -4.93 21.11 -32.42
C ASP B 208 -3.80 21.57 -31.49
N PHE B 209 -3.04 20.61 -30.97
CA PHE B 209 -2.00 20.91 -29.99
C PHE B 209 -0.66 20.35 -30.42
N SER B 210 0.41 21.00 -30.00
CA SER B 210 1.76 20.54 -30.22
C SER B 210 2.58 20.83 -28.96
N PHE B 211 3.26 19.82 -28.41
CA PHE B 211 4.05 20.07 -27.20
C PHE B 211 5.53 19.68 -27.30
N SER B 212 5.96 18.92 -28.35
CA SER B 212 7.39 18.54 -28.55
C SER B 212 8.35 19.76 -28.63
N GLY B 213 7.88 20.85 -29.25
CA GLY B 213 8.64 22.09 -29.39
C GLY B 213 9.01 22.78 -28.08
N LEU B 214 8.28 22.47 -27.01
CA LEU B 214 8.50 23.04 -25.68
C LEU B 214 9.64 22.37 -24.92
N LYS B 215 9.92 21.08 -25.19
CA LYS B 215 10.99 20.30 -24.56
C LYS B 215 12.33 20.78 -25.10
N THR B 216 12.39 21.03 -26.43
CA THR B 216 13.55 21.52 -27.17
C THR B 216 13.97 22.88 -26.60
N PHE B 217 12.99 23.78 -26.38
CA PHE B 217 13.21 25.10 -25.80
C PHE B 217 13.71 25.00 -24.35
N ALA B 218 13.29 23.96 -23.59
CA ALA B 218 13.73 23.71 -22.21
C ALA B 218 15.18 23.21 -22.16
N ALA B 219 15.55 22.22 -23.00
CA ALA B 219 16.92 21.67 -23.09
C ALA B 219 17.98 22.71 -23.49
N ASN B 220 17.60 23.67 -24.38
CA ASN B 220 18.49 24.76 -24.83
C ASN B 220 18.66 25.78 -23.73
N THR B 221 17.61 26.02 -22.93
CA THR B 221 17.65 26.96 -21.83
C THR B 221 18.48 26.35 -20.69
N ILE B 222 18.40 25.02 -20.48
CA ILE B 222 19.20 24.36 -19.45
C ILE B 222 20.69 24.42 -19.84
N ARG B 223 21.01 24.09 -21.10
CA ARG B 223 22.36 24.10 -21.70
C ARG B 223 23.05 25.50 -21.68
N ASP B 224 22.36 26.56 -22.11
CA ASP B 224 22.88 27.92 -22.22
C ASP B 224 22.79 28.78 -20.93
N ASN B 225 22.32 28.19 -19.81
CA ASN B 225 22.15 28.88 -18.52
C ASN B 225 22.74 28.14 -17.30
N GLY B 226 22.70 28.79 -16.13
CA GLY B 226 23.21 28.29 -14.87
C GLY B 226 22.58 27.01 -14.37
N THR B 227 23.29 26.27 -13.51
CA THR B 227 22.81 25.00 -12.95
C THR B 227 22.20 25.20 -11.55
N ASP B 228 22.25 26.43 -11.01
CA ASP B 228 21.71 26.75 -9.69
C ASP B 228 20.19 26.50 -9.61
N ASP B 229 19.71 26.10 -8.42
CA ASP B 229 18.31 25.80 -8.14
C ASP B 229 17.32 26.91 -8.54
N GLN B 230 17.73 28.19 -8.43
CA GLN B 230 16.89 29.33 -8.83
C GLN B 230 16.66 29.37 -10.35
N THR B 231 17.72 29.19 -11.16
CA THR B 231 17.62 29.16 -12.63
C THR B 231 16.72 27.98 -13.05
N ARG B 232 16.92 26.80 -12.41
CA ARG B 232 16.14 25.59 -12.62
C ARG B 232 14.65 25.85 -12.38
N ALA B 233 14.31 26.58 -11.28
CA ALA B 233 12.96 26.97 -10.90
C ALA B 233 12.36 27.94 -11.93
N ASP B 234 13.20 28.87 -12.46
CA ASP B 234 12.83 29.84 -13.49
C ASP B 234 12.48 29.14 -14.82
N ILE B 235 13.24 28.09 -15.18
CA ILE B 235 13.03 27.27 -16.38
C ILE B 235 11.72 26.47 -16.25
N ALA B 236 11.57 25.74 -15.11
CA ALA B 236 10.38 24.95 -14.75
C ALA B 236 9.14 25.85 -14.84
N ARG B 237 9.24 27.08 -14.33
CA ARG B 237 8.16 28.05 -14.36
C ARG B 237 7.86 28.58 -15.76
N ALA B 238 8.91 28.80 -16.58
CA ALA B 238 8.74 29.26 -17.95
C ALA B 238 8.07 28.17 -18.80
N PHE B 239 8.37 26.87 -18.47
CA PHE B 239 7.77 25.72 -19.15
C PHE B 239 6.29 25.63 -18.75
N GLU B 240 6.01 25.59 -17.42
CA GLU B 240 4.66 25.51 -16.84
C GLU B 240 3.77 26.62 -17.36
N ASP B 241 4.28 27.88 -17.36
CA ASP B 241 3.53 29.04 -17.82
C ASP B 241 3.16 28.98 -19.30
N ALA B 242 4.03 28.41 -20.17
CA ALA B 242 3.74 28.26 -21.60
C ALA B 242 2.70 27.18 -21.87
N VAL B 243 2.79 26.00 -21.21
CA VAL B 243 1.81 24.92 -21.36
C VAL B 243 0.39 25.44 -20.99
N VAL B 244 0.25 26.03 -19.79
CA VAL B 244 -0.98 26.59 -19.22
C VAL B 244 -1.55 27.69 -20.15
N ASP B 245 -0.71 28.61 -20.66
CA ASP B 245 -1.17 29.67 -21.57
C ASP B 245 -1.70 29.11 -22.90
N THR B 246 -1.03 28.08 -23.47
CA THR B 246 -1.43 27.37 -24.68
C THR B 246 -2.80 26.69 -24.49
N LEU B 247 -2.95 25.91 -23.38
CA LEU B 247 -4.17 25.17 -23.00
C LEU B 247 -5.30 26.15 -22.77
N MET B 248 -5.01 27.28 -22.13
CA MET B 248 -5.99 28.35 -21.93
C MET B 248 -6.48 28.92 -23.26
N ILE B 249 -5.55 29.34 -24.18
CA ILE B 249 -5.86 29.90 -25.51
C ILE B 249 -6.75 28.95 -26.32
N LYS B 250 -6.39 27.67 -26.37
CA LYS B 250 -7.14 26.62 -27.07
C LYS B 250 -8.54 26.39 -26.48
N CYS B 251 -8.67 26.45 -25.14
CA CYS B 251 -9.94 26.36 -24.40
C CYS B 251 -10.81 27.55 -24.79
N LYS B 252 -10.22 28.77 -24.79
CA LYS B 252 -10.88 30.02 -25.17
C LYS B 252 -11.47 29.88 -26.58
N ARG B 253 -10.67 29.36 -27.55
CA ARG B 253 -11.09 29.16 -28.93
C ARG B 253 -12.22 28.15 -29.09
N ALA B 254 -12.22 27.06 -28.30
CA ALA B 254 -13.23 26.01 -28.33
C ALA B 254 -14.55 26.50 -27.75
N LEU B 255 -14.51 27.34 -26.71
CA LEU B 255 -15.72 27.91 -26.12
C LEU B 255 -16.31 28.94 -27.09
N ASP B 256 -15.41 29.70 -27.77
CA ASP B 256 -15.78 30.70 -28.78
C ASP B 256 -16.44 30.01 -29.97
N GLN B 257 -15.90 28.85 -30.40
CA GLN B 257 -16.42 28.05 -31.50
C GLN B 257 -17.80 27.39 -31.20
N THR B 258 -17.93 26.81 -30.02
CA THR B 258 -19.13 26.10 -29.56
C THR B 258 -20.25 27.01 -29.02
N GLY B 259 -19.88 28.15 -28.44
CA GLY B 259 -20.85 29.03 -27.80
C GLY B 259 -21.25 28.53 -26.41
N PHE B 260 -20.45 27.59 -25.86
CA PHE B 260 -20.70 27.00 -24.55
C PHE B 260 -20.17 27.93 -23.44
N LYS B 261 -20.89 27.93 -22.31
CA LYS B 261 -20.70 28.72 -21.08
C LYS B 261 -19.89 27.91 -20.04
N ARG B 262 -19.71 26.60 -20.27
CA ARG B 262 -19.09 25.72 -19.29
C ARG B 262 -17.90 24.97 -19.83
N LEU B 263 -16.86 24.84 -18.97
CA LEU B 263 -15.60 24.19 -19.28
C LEU B 263 -15.23 23.16 -18.22
N VAL B 264 -15.01 21.92 -18.68
CA VAL B 264 -14.59 20.81 -17.84
C VAL B 264 -13.15 20.52 -18.15
N MET B 265 -12.29 20.44 -17.12
CA MET B 265 -10.86 20.10 -17.24
C MET B 265 -10.66 18.79 -16.48
N ALA B 266 -10.07 17.79 -17.13
CA ALA B 266 -9.88 16.47 -16.54
C ALA B 266 -8.59 15.82 -17.06
N GLY B 267 -8.21 14.70 -16.45
CA GLY B 267 -6.94 14.02 -16.73
C GLY B 267 -5.93 14.45 -15.69
N GLY B 268 -4.83 13.72 -15.57
CA GLY B 268 -3.80 14.01 -14.57
C GLY B 268 -3.29 15.44 -14.49
N VAL B 269 -3.14 16.14 -15.65
CA VAL B 269 -2.61 17.50 -15.72
C VAL B 269 -3.60 18.52 -15.10
N SER B 270 -4.92 18.18 -15.06
CA SER B 270 -5.94 19.04 -14.44
C SER B 270 -5.78 19.17 -12.91
N ALA B 271 -4.82 18.42 -12.32
CA ALA B 271 -4.45 18.51 -10.90
C ALA B 271 -3.51 19.72 -10.74
N ASN B 272 -2.89 20.21 -11.86
CA ASN B 272 -2.01 21.39 -11.88
C ASN B 272 -2.68 22.63 -11.30
N ARG B 273 -2.08 23.19 -10.26
CA ARG B 273 -2.63 24.34 -9.56
C ARG B 273 -2.64 25.59 -10.42
N THR B 274 -1.61 25.80 -11.24
CA THR B 274 -1.54 26.98 -12.14
C THR B 274 -2.64 26.90 -13.22
N LEU B 275 -2.89 25.72 -13.74
CA LEU B 275 -3.93 25.51 -14.76
C LEU B 275 -5.28 25.74 -14.19
N ARG B 276 -5.59 25.13 -13.02
CA ARG B 276 -6.86 25.29 -12.28
C ARG B 276 -7.20 26.76 -12.10
N ALA B 277 -6.23 27.57 -11.60
CA ALA B 277 -6.38 29.02 -11.35
C ALA B 277 -6.59 29.81 -12.62
N LYS B 278 -5.81 29.49 -13.66
CA LYS B 278 -5.92 30.18 -14.94
C LYS B 278 -7.28 29.96 -15.58
N LEU B 279 -7.73 28.69 -15.69
CA LEU B 279 -9.02 28.35 -16.31
C LEU B 279 -10.20 28.88 -15.52
N ALA B 280 -10.07 28.96 -14.17
CA ALA B 280 -11.07 29.52 -13.26
C ALA B 280 -11.21 31.02 -13.51
N GLU B 281 -10.08 31.71 -13.74
CA GLU B 281 -10.04 33.14 -13.99
C GLU B 281 -10.63 33.49 -15.34
N MET B 282 -10.31 32.66 -16.38
CA MET B 282 -10.82 32.83 -17.74
C MET B 282 -12.35 32.78 -17.76
N MET B 283 -12.95 31.72 -17.15
CA MET B 283 -14.40 31.47 -17.07
C MET B 283 -15.14 32.55 -16.30
N LYS B 284 -14.51 33.12 -15.26
CA LYS B 284 -15.11 34.19 -14.46
C LYS B 284 -15.30 35.42 -15.36
N LYS B 285 -14.25 35.76 -16.14
CA LYS B 285 -14.23 36.87 -17.10
C LYS B 285 -15.26 36.65 -18.21
N ARG B 286 -15.45 35.40 -18.65
CA ARG B 286 -16.41 35.06 -19.70
C ARG B 286 -17.86 34.96 -19.19
N ARG B 287 -18.04 35.09 -17.84
CA ARG B 287 -19.31 34.90 -17.10
C ARG B 287 -19.81 33.45 -17.33
N GLY B 288 -18.87 32.52 -17.28
CA GLY B 288 -19.11 31.10 -17.41
C GLY B 288 -18.70 30.36 -16.16
N GLU B 289 -18.40 29.07 -16.28
CA GLU B 289 -18.02 28.26 -15.11
C GLU B 289 -16.98 27.21 -15.47
N VAL B 290 -16.01 27.01 -14.58
CA VAL B 290 -15.03 25.93 -14.71
C VAL B 290 -15.45 24.76 -13.79
N PHE B 291 -15.14 23.53 -14.19
CA PHE B 291 -15.47 22.33 -13.42
C PHE B 291 -14.30 21.39 -13.45
N TYR B 292 -13.83 21.02 -12.29
CA TYR B 292 -12.71 20.08 -12.13
C TYR B 292 -13.00 19.18 -10.96
N ALA B 293 -12.34 18.04 -10.91
CA ALA B 293 -12.49 17.14 -9.78
C ALA B 293 -11.40 17.51 -8.78
N ARG B 294 -11.49 16.96 -7.56
CA ARG B 294 -10.50 17.08 -6.49
C ARG B 294 -9.16 16.57 -7.08
N PRO B 295 -8.01 17.09 -6.65
CA PRO B 295 -6.74 16.67 -7.28
C PRO B 295 -6.52 15.17 -7.39
N GLU B 296 -6.89 14.37 -6.36
CA GLU B 296 -6.73 12.89 -6.40
C GLU B 296 -7.61 12.20 -7.47
N PHE B 297 -8.66 12.90 -7.95
CA PHE B 297 -9.55 12.37 -8.95
C PHE B 297 -9.20 12.85 -10.34
N CYS B 298 -8.10 13.61 -10.44
CA CYS B 298 -7.58 14.09 -11.71
C CYS B 298 -6.69 12.99 -12.31
N THR B 299 -5.78 12.44 -11.50
CA THR B 299 -4.93 11.31 -11.87
C THR B 299 -5.79 10.02 -11.84
N ASP B 300 -5.33 8.94 -12.53
CA ASP B 300 -6.07 7.65 -12.60
C ASP B 300 -6.55 7.15 -11.24
N ASN B 301 -7.82 6.79 -11.18
CA ASN B 301 -8.45 6.34 -9.95
C ASN B 301 -9.67 5.46 -10.24
N GLY B 302 -10.16 4.76 -9.23
CA GLY B 302 -11.35 3.91 -9.35
C GLY B 302 -12.70 4.62 -9.28
N ALA B 303 -12.76 5.83 -8.64
CA ALA B 303 -14.00 6.59 -8.45
C ALA B 303 -14.67 7.03 -9.77
N MET B 304 -13.86 7.55 -10.68
CA MET B 304 -14.31 7.96 -11.99
C MET B 304 -14.84 6.77 -12.79
N ILE B 305 -14.26 5.57 -12.58
CA ILE B 305 -14.66 4.35 -13.27
C ILE B 305 -15.97 3.81 -12.70
N ALA B 306 -16.12 3.72 -11.36
CA ALA B 306 -17.37 3.29 -10.73
C ALA B 306 -18.50 4.30 -11.11
N TYR B 307 -18.18 5.61 -11.20
CA TYR B 307 -19.18 6.62 -11.63
C TYR B 307 -19.65 6.40 -13.08
N ALA B 308 -18.72 6.34 -14.05
CA ALA B 308 -19.01 6.11 -15.46
C ALA B 308 -19.61 4.71 -15.66
N GLY B 309 -19.33 3.80 -14.72
CA GLY B 309 -19.88 2.44 -14.69
C GLY B 309 -21.36 2.46 -14.39
N MET B 310 -21.78 3.29 -13.42
CA MET B 310 -23.17 3.55 -13.05
C MET B 310 -23.90 4.17 -14.26
N VAL B 311 -23.26 5.17 -14.90
CA VAL B 311 -23.82 5.85 -16.07
C VAL B 311 -24.01 4.85 -17.22
N ARG B 312 -22.96 4.12 -17.57
CA ARG B 312 -23.06 3.13 -18.64
C ARG B 312 -23.96 1.91 -18.28
N PHE B 313 -24.11 1.58 -16.99
CA PHE B 313 -24.99 0.49 -16.56
C PHE B 313 -26.47 0.85 -16.79
N LYS B 314 -26.86 2.08 -16.38
CA LYS B 314 -28.22 2.60 -16.60
C LYS B 314 -28.47 2.90 -18.11
N ALA B 315 -27.42 3.03 -18.95
CA ALA B 315 -27.50 3.24 -20.41
C ALA B 315 -27.68 1.90 -21.16
N GLY B 316 -27.25 0.82 -20.52
CA GLY B 316 -27.31 -0.52 -21.07
C GLY B 316 -26.02 -1.05 -21.66
N ALA B 317 -24.87 -0.41 -21.38
CA ALA B 317 -23.56 -0.86 -21.91
C ALA B 317 -23.03 -2.11 -21.14
N THR B 318 -23.75 -3.23 -21.22
CA THR B 318 -23.38 -4.44 -20.49
C THR B 318 -22.68 -5.44 -21.40
N ALA B 319 -21.71 -6.17 -20.84
CA ALA B 319 -20.90 -7.13 -21.58
C ALA B 319 -21.40 -8.55 -21.50
N ASP B 320 -21.10 -9.33 -22.56
CA ASP B 320 -21.33 -10.78 -22.52
C ASP B 320 -20.03 -11.40 -21.86
N LEU B 321 -19.89 -12.73 -21.79
CA LEU B 321 -18.76 -13.40 -21.10
C LEU B 321 -17.36 -13.16 -21.70
N GLY B 322 -17.28 -12.75 -22.95
CA GLY B 322 -16.01 -12.42 -23.58
C GLY B 322 -15.38 -11.21 -22.91
N VAL B 323 -14.05 -11.24 -22.76
CA VAL B 323 -13.31 -10.13 -22.13
C VAL B 323 -12.49 -9.47 -23.21
N SER B 324 -12.71 -8.20 -23.45
CA SER B 324 -11.96 -7.51 -24.50
C SER B 324 -11.50 -6.14 -24.09
N VAL B 325 -10.25 -5.84 -24.39
CA VAL B 325 -9.58 -4.59 -24.08
C VAL B 325 -9.23 -3.85 -25.39
N ARG B 326 -9.13 -2.52 -25.34
CA ARG B 326 -8.82 -1.62 -26.46
C ARG B 326 -7.75 -0.63 -26.03
N PRO B 327 -6.48 -0.77 -26.48
CA PRO B 327 -5.44 0.20 -26.08
C PRO B 327 -5.67 1.62 -26.62
N ARG B 328 -6.38 1.72 -27.75
CA ARG B 328 -6.77 2.97 -28.41
C ARG B 328 -8.26 2.81 -28.55
N TRP B 329 -9.01 3.81 -28.14
CA TRP B 329 -10.46 3.76 -28.16
C TRP B 329 -10.93 5.19 -28.30
N PRO B 330 -11.49 5.60 -29.47
CA PRO B 330 -11.92 6.99 -29.61
C PRO B 330 -13.22 7.24 -28.88
N LEU B 331 -13.28 8.38 -28.21
CA LEU B 331 -14.41 8.86 -27.41
C LEU B 331 -15.66 9.08 -28.28
N ALA B 332 -15.47 9.43 -29.57
CA ALA B 332 -16.56 9.68 -30.52
C ALA B 332 -17.33 8.40 -30.89
N GLU B 333 -16.72 7.22 -30.65
CA GLU B 333 -17.31 5.92 -30.94
C GLU B 333 -18.34 5.46 -29.89
N LEU B 334 -18.35 6.08 -28.69
CA LEU B 334 -19.27 5.70 -27.61
C LEU B 334 -20.70 6.08 -27.98
N PRO B 335 -21.67 5.14 -27.81
CA PRO B 335 -23.08 5.45 -28.14
C PRO B 335 -23.72 6.49 -27.23
N ALA B 336 -24.62 7.29 -27.79
CA ALA B 336 -25.35 8.32 -27.02
C ALA B 336 -26.22 7.68 -25.94
N ALA B 337 -26.23 8.27 -24.77
CA ALA B 337 -27.02 7.76 -23.65
C ALA B 337 -27.55 8.89 -22.80
N HIS B 338 -28.47 8.55 -21.88
CA HIS B 338 -29.08 9.51 -20.96
C HIS B 338 -28.25 9.59 -19.70
N HIS B 339 -28.29 10.75 -19.04
CA HIS B 339 -27.63 11.01 -17.78
C HIS B 339 -28.74 11.05 -16.70
N HIS B 340 -28.65 10.15 -15.71
CA HIS B 340 -29.59 10.01 -14.60
C HIS B 340 -28.99 10.47 -13.26
N HIS B 341 -28.10 11.47 -13.27
CA HIS B 341 -27.50 12.02 -12.05
C HIS B 341 -28.49 12.95 -11.42
CA MET C 1 11.34 35.07 27.46
C MET C 1 11.88 34.30 26.27
N ARG C 2 12.17 33.00 26.45
CA ARG C 2 12.68 32.14 25.39
C ARG C 2 11.64 31.06 25.03
N ILE C 3 11.18 31.07 23.76
CA ILE C 3 10.21 30.12 23.20
C ILE C 3 10.75 29.49 21.92
N LEU C 4 10.74 28.14 21.83
CA LEU C 4 11.15 27.41 20.62
C LEU C 4 9.89 26.91 19.95
N ALA C 5 9.73 27.20 18.68
CA ALA C 5 8.58 26.80 17.89
C ALA C 5 8.97 25.78 16.80
N ILE C 6 8.12 24.75 16.60
CA ILE C 6 8.31 23.67 15.63
C ILE C 6 7.01 23.43 14.83
N ASP C 7 7.12 23.17 13.52
CA ASP C 7 6.00 22.84 12.65
C ASP C 7 6.39 21.89 11.50
N THR C 8 5.61 20.81 11.28
CA THR C 8 5.81 19.84 10.19
C THR C 8 4.43 19.34 9.66
N ALA C 9 3.33 20.08 9.96
CA ALA C 9 1.92 19.75 9.65
C ALA C 9 1.57 19.72 8.15
N THR C 10 2.35 20.46 7.32
CA THR C 10 2.19 20.57 5.87
C THR C 10 3.48 20.15 5.19
N GLU C 11 3.67 20.47 3.88
CA GLU C 11 4.89 20.12 3.14
C GLU C 11 6.12 20.84 3.70
N ALA C 12 5.88 21.92 4.43
CA ALA C 12 6.93 22.72 5.04
C ALA C 12 7.41 22.15 6.37
N CYS C 13 8.63 22.52 6.73
CA CYS C 13 9.37 22.15 7.93
C CYS C 13 9.92 23.46 8.43
N SER C 14 9.51 23.92 9.60
CA SER C 14 10.02 25.19 10.10
C SER C 14 10.31 25.17 11.57
N VAL C 15 11.29 25.97 11.96
CA VAL C 15 11.73 26.15 13.35
C VAL C 15 11.91 27.65 13.57
N ALA C 16 11.56 28.13 14.74
CA ALA C 16 11.74 29.53 15.09
C ALA C 16 12.03 29.65 16.57
N LEU C 17 12.74 30.70 16.94
CA LEU C 17 13.09 30.93 18.32
C LEU C 17 12.93 32.37 18.64
N TRP C 18 12.22 32.66 19.74
CA TRP C 18 12.03 33.99 20.27
C TRP C 18 12.95 34.06 21.51
N ASN C 19 14.09 34.78 21.37
CA ASN C 19 15.11 34.95 22.40
C ASN C 19 14.87 36.22 23.23
N ASP C 20 13.61 36.70 23.27
CA ASP C 20 13.14 37.93 23.90
C ASP C 20 13.77 39.13 23.20
N GLY C 21 13.05 39.61 22.19
CA GLY C 21 13.47 40.68 21.31
C GLY C 21 13.97 40.11 20.00
N THR C 22 14.75 39.02 20.09
CA THR C 22 15.36 38.36 18.93
C THR C 22 14.52 37.21 18.37
N VAL C 23 14.40 37.17 17.03
CA VAL C 23 13.74 36.09 16.29
C VAL C 23 14.76 35.46 15.34
N ASN C 24 15.02 34.17 15.48
CA ASN C 24 15.85 33.39 14.55
C ASN C 24 14.85 32.39 13.96
N ALA C 25 14.76 32.31 12.64
CA ALA C 25 13.78 31.47 11.99
C ALA C 25 14.36 30.68 10.82
N HIS C 26 13.87 29.48 10.58
CA HIS C 26 14.30 28.68 9.45
C HIS C 26 13.10 27.92 8.87
N PHE C 27 12.80 28.18 7.61
CA PHE C 27 11.68 27.59 6.91
C PHE C 27 12.15 26.87 5.67
N GLU C 28 11.64 25.64 5.43
CA GLU C 28 11.99 24.96 4.17
C GLU C 28 10.93 23.95 3.70
N LEU C 29 10.89 23.70 2.38
CA LEU C 29 9.96 22.71 1.87
C LEU C 29 10.63 21.35 2.00
N CYS C 30 9.96 20.46 2.76
CA CYS C 30 10.41 19.12 3.12
C CYS C 30 9.57 17.98 2.58
N PRO C 31 8.95 17.97 1.36
CA PRO C 31 8.18 16.78 0.97
C PRO C 31 9.05 15.53 1.15
N ARG C 32 8.49 14.47 1.76
CA ARG C 32 9.15 13.17 1.98
C ARG C 32 10.43 13.22 2.86
N GLU C 33 10.77 14.39 3.46
CA GLU C 33 12.01 14.52 4.25
C GLU C 33 11.87 15.11 5.65
N HIS C 34 10.66 15.25 6.19
CA HIS C 34 10.43 15.83 7.54
C HIS C 34 11.24 15.17 8.69
N THR C 35 11.21 13.84 8.77
CA THR C 35 11.88 13.07 9.83
C THR C 35 13.40 13.12 9.73
N GLN C 36 13.94 13.43 8.54
CA GLN C 36 15.39 13.55 8.32
C GLN C 36 15.91 14.94 8.66
N ARG C 37 15.06 15.97 8.45
CA ARG C 37 15.39 17.39 8.59
C ARG C 37 15.03 18.08 9.89
N ILE C 38 13.95 17.66 10.58
CA ILE C 38 13.48 18.41 11.77
C ILE C 38 14.49 18.51 12.98
N LEU C 39 15.13 17.40 13.41
CA LEU C 39 16.08 17.48 14.53
C LEU C 39 17.36 18.24 14.14
N PRO C 40 18.01 18.04 12.95
CA PRO C 40 19.12 18.92 12.56
C PRO C 40 18.69 20.41 12.53
N MET C 41 17.45 20.70 12.05
CA MET C 41 16.91 22.06 12.05
C MET C 41 16.77 22.65 13.46
N VAL C 42 16.27 21.84 14.43
CA VAL C 42 16.15 22.24 15.86
C VAL C 42 17.53 22.55 16.44
N GLN C 43 18.50 21.66 16.18
CA GLN C 43 19.87 21.81 16.63
C GLN C 43 20.54 23.05 16.02
N ASP C 44 20.32 23.33 14.71
CA ASP C 44 20.92 24.49 14.05
C ASP C 44 20.45 25.78 14.66
N ILE C 45 19.12 25.94 14.84
CA ILE C 45 18.53 27.14 15.39
C ILE C 45 18.96 27.38 16.84
N LEU C 46 19.20 26.30 17.62
CA LEU C 46 19.67 26.40 19.01
C LEU C 46 21.15 26.86 19.00
N THR C 47 21.93 26.34 18.03
CA THR C 47 23.32 26.73 17.82
C THR C 47 23.36 28.21 17.44
N THR C 48 22.63 28.59 16.36
CA THR C 48 22.54 29.93 15.81
C THR C 48 22.26 30.98 16.88
N SER C 49 21.11 30.84 17.58
CA SER C 49 20.63 31.76 18.61
C SER C 49 21.46 31.77 19.90
N GLY C 50 22.34 30.79 20.05
CA GLY C 50 23.18 30.65 21.24
C GLY C 50 22.40 30.32 22.49
N THR C 51 21.27 29.62 22.32
CA THR C 51 20.37 29.19 23.40
C THR C 51 20.48 27.67 23.57
N SER C 52 20.21 27.18 24.78
CA SER C 52 20.20 25.76 25.14
C SER C 52 18.75 25.39 25.45
N LEU C 53 18.41 24.11 25.23
CA LEU C 53 17.06 23.57 25.45
C LEU C 53 16.57 23.79 26.88
N THR C 54 17.51 23.73 27.86
CA THR C 54 17.24 23.95 29.29
C THR C 54 16.84 25.40 29.58
N ASP C 55 17.39 26.37 28.82
CA ASP C 55 17.11 27.79 28.94
C ASP C 55 15.84 28.25 28.17
N ILE C 56 15.13 27.30 27.55
CA ILE C 56 13.86 27.56 26.87
C ILE C 56 12.76 27.50 27.93
N ASN C 57 11.80 28.42 27.84
CA ASN C 57 10.72 28.53 28.82
C ASN C 57 9.50 27.74 28.40
N ALA C 58 9.35 27.47 27.07
CA ALA C 58 8.19 26.78 26.51
C ALA C 58 8.47 26.23 25.12
N LEU C 59 7.81 25.13 24.77
CA LEU C 59 7.93 24.54 23.44
C LEU C 59 6.62 24.72 22.68
N ALA C 60 6.60 25.57 21.64
CA ALA C 60 5.42 25.81 20.80
C ALA C 60 5.38 24.80 19.65
N TYR C 61 4.22 24.19 19.40
CA TYR C 61 4.17 23.16 18.36
C TYR C 61 2.94 23.28 17.47
N GLY C 62 3.09 22.87 16.21
CA GLY C 62 2.03 22.85 15.22
C GLY C 62 1.09 21.72 15.57
N ARG C 63 0.00 22.07 16.27
CA ARG C 63 -0.99 21.12 16.78
C ARG C 63 -1.86 20.53 15.66
N GLY C 64 -1.86 21.19 14.51
CA GLY C 64 -2.65 20.82 13.36
C GLY C 64 -3.76 21.83 13.11
N PRO C 65 -4.67 21.57 12.14
CA PRO C 65 -4.77 20.40 11.26
C PRO C 65 -3.80 20.42 10.06
N GLY C 66 -3.81 19.34 9.32
CA GLY C 66 -2.99 19.15 8.13
C GLY C 66 -2.87 17.67 7.91
N SER C 67 -1.71 17.24 7.40
CA SER C 67 -1.40 15.82 7.19
C SER C 67 -1.36 15.12 8.58
N PHE C 68 -2.00 13.94 8.74
CA PHE C 68 -2.05 13.18 10.02
C PHE C 68 -0.66 12.79 10.52
N THR C 69 0.16 12.24 9.62
CA THR C 69 1.54 11.85 9.81
C THR C 69 2.39 13.08 10.19
N GLY C 70 2.22 14.17 9.42
CA GLY C 70 2.94 15.41 9.64
C GLY C 70 2.68 16.04 10.99
N VAL C 71 1.40 16.05 11.40
CA VAL C 71 0.94 16.58 12.71
C VAL C 71 1.60 15.78 13.86
N ARG C 72 1.69 14.47 13.68
CA ARG C 72 2.29 13.53 14.62
C ARG C 72 3.76 13.65 14.76
N ILE C 73 4.46 13.96 13.65
CA ILE C 73 5.92 14.15 13.66
C ILE C 73 6.20 15.37 14.54
N GLY C 74 5.45 16.43 14.30
CA GLY C 74 5.50 17.68 15.05
C GLY C 74 5.31 17.45 16.53
N ILE C 75 4.18 16.87 16.92
CA ILE C 75 3.87 16.58 18.33
C ILE C 75 4.88 15.55 18.93
N GLY C 76 5.28 14.55 18.15
CA GLY C 76 6.23 13.53 18.54
C GLY C 76 7.57 14.10 18.92
N ILE C 77 8.13 14.98 18.03
CA ILE C 77 9.42 15.63 18.26
C ILE C 77 9.31 16.56 19.45
N ALA C 78 8.27 17.39 19.45
CA ALA C 78 7.98 18.38 20.49
C ALA C 78 7.81 17.71 21.85
N GLN C 79 7.08 16.59 21.93
CA GLN C 79 6.90 15.81 23.15
C GLN C 79 8.21 15.26 23.66
N GLY C 80 9.03 14.70 22.76
CA GLY C 80 10.36 14.15 23.11
C GLY C 80 11.26 15.22 23.70
N LEU C 81 11.27 16.42 23.07
CA LEU C 81 12.09 17.55 23.51
C LEU C 81 11.59 18.14 24.83
N ALA C 82 10.26 18.30 24.97
CA ALA C 82 9.63 18.83 26.20
C ALA C 82 9.78 17.88 27.39
N LEU C 83 9.67 16.56 27.14
CA LEU C 83 9.85 15.56 28.18
C LEU C 83 11.30 15.54 28.63
N GLY C 84 12.21 15.55 27.66
CA GLY C 84 13.66 15.51 27.86
C GLY C 84 14.27 16.68 28.59
N ALA C 85 13.84 17.91 28.23
CA ALA C 85 14.29 19.18 28.81
C ALA C 85 13.32 19.80 29.86
N GLU C 86 12.24 19.06 30.25
CA GLU C 86 11.21 19.44 31.25
C GLU C 86 10.56 20.78 30.91
N LEU C 87 9.95 20.87 29.73
CA LEU C 87 9.38 22.13 29.26
C LEU C 87 7.87 22.11 29.11
N PRO C 88 7.19 23.23 29.36
CA PRO C 88 5.75 23.28 29.08
C PRO C 88 5.55 23.37 27.55
N MET C 89 4.39 22.94 27.09
CA MET C 89 4.05 22.95 25.68
C MET C 89 2.92 23.87 25.33
N ILE C 90 2.98 24.46 24.13
CA ILE C 90 1.92 25.33 23.61
C ILE C 90 1.49 24.84 22.23
N GLY C 91 0.27 24.32 22.14
CA GLY C 91 -0.36 23.88 20.90
C GLY C 91 -0.91 25.06 20.12
N VAL C 92 -0.35 25.28 18.92
CA VAL C 92 -0.71 26.39 18.04
C VAL C 92 -1.37 25.89 16.74
N SER C 93 -2.54 26.49 16.39
CA SER C 93 -3.27 26.16 15.17
C SER C 93 -2.48 26.59 13.92
N THR C 94 -2.37 25.67 12.93
CA THR C 94 -1.71 25.92 11.64
C THR C 94 -2.53 26.91 10.78
N LEU C 95 -3.88 26.92 10.94
CA LEU C 95 -4.79 27.84 10.25
C LEU C 95 -4.61 29.26 10.83
N MET C 96 -4.35 29.37 12.14
CA MET C 96 -4.11 30.64 12.85
C MET C 96 -2.69 31.15 12.54
N THR C 97 -1.73 30.23 12.34
CA THR C 97 -0.33 30.55 12.02
C THR C 97 -0.29 31.27 10.67
N MET C 98 -1.08 30.77 9.71
CA MET C 98 -1.20 31.40 8.39
C MET C 98 -1.93 32.76 8.49
N ALA C 99 -2.96 32.85 9.34
CA ALA C 99 -3.65 34.11 9.60
C ALA C 99 -2.61 35.17 10.03
N GLN C 100 -1.70 34.80 10.96
CA GLN C 100 -0.59 35.61 11.47
C GLN C 100 0.45 35.96 10.38
N GLY C 101 0.72 35.02 9.49
CA GLY C 101 1.65 35.20 8.38
C GLY C 101 1.18 36.29 7.45
N ALA C 102 -0.12 36.25 7.07
CA ALA C 102 -0.75 37.26 6.20
C ALA C 102 -0.66 38.64 6.84
N TRP C 103 -0.90 38.74 8.16
CA TRP C 103 -0.73 40.00 8.90
C TRP C 103 0.74 40.53 8.84
N ARG C 104 1.72 39.63 9.04
CA ARG C 104 3.15 39.93 8.98
C ARG C 104 3.57 40.50 7.61
N LYS C 105 3.08 39.89 6.50
CA LYS C 105 3.43 40.24 5.12
C LYS C 105 2.77 41.49 4.60
N ASN C 106 1.45 41.66 4.83
CA ASN C 106 0.70 42.78 4.25
C ASN C 106 -0.40 43.41 5.17
N GLY C 107 -0.33 43.15 6.47
CA GLY C 107 -1.26 43.73 7.44
C GLY C 107 -2.70 43.24 7.43
N ALA C 108 -2.99 42.07 6.81
CA ALA C 108 -4.32 41.45 6.76
C ALA C 108 -4.86 41.22 8.18
N THR C 109 -6.10 41.62 8.43
CA THR C 109 -6.72 41.55 9.76
C THR C 109 -7.94 40.61 9.71
N ARG C 110 -8.36 40.25 8.49
CA ARG C 110 -9.52 39.41 8.22
C ARG C 110 -9.05 38.31 7.26
N VAL C 111 -8.81 37.11 7.83
CA VAL C 111 -8.23 35.97 7.11
C VAL C 111 -9.18 34.75 7.02
N LEU C 112 -9.42 34.27 5.78
CA LEU C 112 -10.16 33.03 5.53
C LEU C 112 -9.08 31.99 5.19
N ALA C 113 -8.72 31.16 6.17
CA ALA C 113 -7.68 30.13 5.99
C ALA C 113 -8.26 28.83 5.47
N ALA C 114 -7.63 28.23 4.45
CA ALA C 114 -8.08 26.96 3.86
C ALA C 114 -6.91 26.05 3.49
N ILE C 115 -6.80 24.86 4.13
CA ILE C 115 -5.77 23.85 3.86
C ILE C 115 -6.45 22.71 3.08
N ASP C 116 -5.82 22.18 2.02
CA ASP C 116 -6.34 21.01 1.32
C ASP C 116 -6.23 19.83 2.32
N ALA C 117 -7.38 19.28 2.72
CA ALA C 117 -7.47 18.17 3.67
C ALA C 117 -7.48 16.81 2.95
N ARG C 118 -7.50 16.82 1.59
CA ARG C 118 -7.64 15.64 0.72
C ARG C 118 -9.09 15.16 0.89
N MET C 119 -9.51 14.09 0.16
CA MET C 119 -10.88 13.56 0.21
C MET C 119 -11.96 14.60 -0.18
N GLY C 120 -11.59 15.55 -1.03
CA GLY C 120 -12.44 16.62 -1.51
C GLY C 120 -12.76 17.72 -0.51
N GLU C 121 -12.14 17.67 0.68
CA GLU C 121 -12.43 18.66 1.73
C GLU C 121 -11.26 19.58 1.99
N VAL C 122 -11.53 20.64 2.75
CA VAL C 122 -10.55 21.61 3.23
C VAL C 122 -10.70 21.81 4.75
N TYR C 123 -9.60 22.09 5.42
CA TYR C 123 -9.62 22.48 6.83
C TYR C 123 -9.87 23.98 6.74
N TRP C 124 -11.00 24.43 7.27
CA TRP C 124 -11.48 25.80 7.16
C TRP C 124 -11.41 26.56 8.47
N ALA C 125 -11.13 27.88 8.39
CA ALA C 125 -11.13 28.81 9.53
C ALA C 125 -11.30 30.26 9.09
N GLU C 126 -12.07 31.07 9.88
CA GLU C 126 -12.34 32.49 9.66
C GLU C 126 -11.72 33.24 10.83
N TYR C 127 -10.57 33.84 10.61
CA TYR C 127 -9.80 34.52 11.65
C TYR C 127 -9.82 36.02 11.53
N GLN C 128 -10.10 36.68 12.66
CA GLN C 128 -10.21 38.13 12.73
C GLN C 128 -9.39 38.65 13.87
N ARG C 129 -8.40 39.51 13.56
CA ARG C 129 -7.48 40.13 14.50
C ARG C 129 -8.04 41.41 15.12
N ASP C 130 -8.02 41.49 16.47
CA ASP C 130 -8.47 42.68 17.17
C ASP C 130 -7.29 43.66 17.32
N GLU C 131 -7.54 44.82 17.96
CA GLU C 131 -6.59 45.90 18.24
C GLU C 131 -5.38 45.47 19.10
N ASN C 132 -5.51 44.41 19.92
CA ASN C 132 -4.43 43.92 20.78
C ASN C 132 -3.67 42.75 20.17
N GLY C 133 -3.97 42.43 18.91
CA GLY C 133 -3.30 41.36 18.17
C GLY C 133 -3.83 39.95 18.38
N ILE C 134 -5.00 39.82 19.03
CA ILE C 134 -5.60 38.51 19.27
C ILE C 134 -6.49 38.11 18.08
N TRP C 135 -6.24 36.88 17.58
CA TRP C 135 -6.99 36.24 16.50
C TRP C 135 -8.25 35.56 17.08
N HIS C 136 -9.41 36.03 16.67
CA HIS C 136 -10.71 35.51 17.08
C HIS C 136 -11.18 34.60 15.94
N GLY C 137 -11.83 33.51 16.29
CA GLY C 137 -12.36 32.62 15.26
C GLY C 137 -11.97 31.16 15.35
N GLU C 138 -11.24 30.79 16.42
CA GLU C 138 -10.78 29.42 16.70
C GLU C 138 -11.95 28.43 16.72
N GLU C 139 -13.14 28.89 17.11
CA GLU C 139 -14.39 28.13 17.15
C GLU C 139 -14.94 27.79 15.73
N THR C 140 -14.48 28.49 14.67
CA THR C 140 -14.91 28.26 13.27
C THR C 140 -14.14 27.12 12.57
N GLU C 141 -13.10 26.55 13.21
CA GLU C 141 -12.30 25.46 12.62
C GLU C 141 -13.11 24.23 12.40
N ALA C 142 -13.14 23.78 11.13
CA ALA C 142 -13.89 22.59 10.71
C ALA C 142 -13.31 21.98 9.44
N VAL C 143 -13.60 20.70 9.19
CA VAL C 143 -13.22 20.02 7.94
C VAL C 143 -14.47 20.12 7.03
N LEU C 144 -14.39 20.88 5.95
CA LEU C 144 -15.59 21.09 5.15
C LEU C 144 -15.46 20.79 3.68
N LYS C 145 -16.60 20.45 3.09
CA LYS C 145 -16.75 20.30 1.64
C LYS C 145 -16.93 21.72 1.05
N PRO C 146 -16.35 22.00 -0.16
CA PRO C 146 -16.47 23.35 -0.76
C PRO C 146 -17.84 24.03 -0.77
N GLU C 147 -18.95 23.25 -0.86
CA GLU C 147 -20.34 23.74 -0.84
C GLU C 147 -20.71 24.32 0.51
N ILE C 148 -20.17 23.70 1.61
CA ILE C 148 -20.37 24.13 2.98
C ILE C 148 -19.49 25.33 3.27
N VAL C 149 -18.30 25.41 2.63
CA VAL C 149 -17.44 26.60 2.75
C VAL C 149 -18.24 27.79 2.11
N HIS C 150 -18.85 27.56 0.92
CA HIS C 150 -19.66 28.56 0.22
C HIS C 150 -20.76 29.11 1.15
N GLU C 151 -21.51 28.21 1.83
CA GLU C 151 -22.55 28.53 2.83
C GLU C 151 -21.99 29.41 3.95
N ARG C 152 -20.81 29.01 4.52
CA ARG C 152 -20.10 29.78 5.56
C ARG C 152 -19.78 31.18 5.07
N MET C 153 -19.37 31.30 3.79
CA MET C 153 -19.01 32.57 3.16
C MET C 153 -20.24 33.46 2.91
N GLN C 154 -21.43 32.87 2.77
CA GLN C 154 -22.69 33.60 2.59
C GLN C 154 -23.08 34.39 3.86
N GLN C 155 -22.70 33.88 5.06
CA GLN C 155 -22.97 34.47 6.39
C GLN C 155 -21.92 35.54 6.80
N LEU C 156 -20.95 35.81 5.94
CA LEU C 156 -19.89 36.80 6.17
C LEU C 156 -20.10 38.02 5.29
N SER C 157 -19.27 39.05 5.48
CA SER C 157 -19.32 40.27 4.67
C SER C 157 -17.97 40.94 4.60
N GLY C 158 -17.88 41.91 3.70
CA GLY C 158 -16.69 42.72 3.55
C GLY C 158 -15.51 42.11 2.84
N GLU C 159 -14.33 42.59 3.21
CA GLU C 159 -13.04 42.25 2.66
C GLU C 159 -12.34 41.18 3.50
N TRP C 160 -11.82 40.17 2.81
CA TRP C 160 -11.10 39.05 3.42
C TRP C 160 -9.88 38.69 2.61
N VAL C 161 -8.89 38.12 3.28
CA VAL C 161 -7.64 37.67 2.70
C VAL C 161 -7.62 36.13 2.75
N THR C 162 -7.26 35.49 1.66
CA THR C 162 -7.27 34.03 1.52
C THR C 162 -5.88 33.50 1.68
N VAL C 163 -5.74 32.45 2.51
CA VAL C 163 -4.46 31.87 2.88
C VAL C 163 -4.58 30.33 2.85
N GLY C 164 -3.53 29.63 2.37
CA GLY C 164 -3.50 28.17 2.36
C GLY C 164 -3.65 27.43 1.04
N THR C 165 -3.42 26.10 1.09
CA THR C 165 -3.47 25.19 -0.07
C THR C 165 -4.90 24.83 -0.58
N GLY C 166 -5.92 25.12 0.21
CA GLY C 166 -7.32 24.87 -0.16
C GLY C 166 -7.81 25.78 -1.26
N TRP C 167 -7.25 27.02 -1.35
CA TRP C 167 -7.54 28.02 -2.38
C TRP C 167 -6.76 27.69 -3.65
N GLN C 168 -5.68 26.94 -3.50
CA GLN C 168 -4.80 26.49 -4.58
C GLN C 168 -5.51 25.30 -5.24
N ALA C 169 -6.00 24.36 -4.41
CA ALA C 169 -6.74 23.18 -4.85
C ALA C 169 -8.09 23.58 -5.44
N TRP C 170 -8.79 24.57 -4.81
CA TRP C 170 -10.09 25.08 -5.25
C TRP C 170 -10.04 26.61 -5.54
N PRO C 171 -9.44 27.05 -6.68
CA PRO C 171 -9.38 28.50 -6.96
C PRO C 171 -10.75 29.21 -7.09
N ASP C 172 -11.83 28.44 -7.40
CA ASP C 172 -13.19 28.95 -7.51
C ASP C 172 -14.00 28.82 -6.20
N LEU C 173 -13.33 28.56 -5.06
CA LEU C 173 -13.92 28.36 -3.73
C LEU C 173 -14.78 29.57 -3.27
N GLY C 174 -14.29 30.77 -3.52
CA GLY C 174 -14.99 32.00 -3.17
C GLY C 174 -15.85 32.59 -4.27
N LYS C 175 -16.17 31.80 -5.32
CA LYS C 175 -17.01 32.23 -6.44
C LYS C 175 -18.44 32.48 -5.96
N GLU C 176 -18.97 33.68 -6.24
CA GLU C 176 -20.33 34.13 -5.89
C GLU C 176 -20.61 34.13 -4.37
N SER C 177 -19.55 34.33 -3.55
CA SER C 177 -19.63 34.37 -2.10
C SER C 177 -20.26 35.70 -1.62
N GLY C 178 -20.06 36.76 -2.40
CA GLY C 178 -20.54 38.09 -2.08
C GLY C 178 -19.55 38.88 -1.24
N LEU C 179 -18.31 38.33 -1.07
CA LEU C 179 -17.21 38.92 -0.29
C LEU C 179 -16.18 39.48 -1.26
N VAL C 180 -15.29 40.35 -0.76
CA VAL C 180 -14.18 40.90 -1.54
C VAL C 180 -12.95 40.09 -1.10
N LEU C 181 -12.36 39.32 -2.02
CA LEU C 181 -11.26 38.42 -1.71
C LEU C 181 -9.91 38.79 -2.35
N ARG C 182 -8.90 38.88 -1.50
CA ARG C 182 -7.55 39.20 -1.93
C ARG C 182 -6.66 38.08 -1.44
N ASP C 183 -5.59 37.82 -2.19
CA ASP C 183 -4.62 36.77 -1.89
C ASP C 183 -3.76 37.21 -0.70
N GLY C 184 -3.75 36.41 0.35
CA GLY C 184 -2.95 36.68 1.54
C GLY C 184 -1.46 36.48 1.36
N GLU C 185 -1.07 35.80 0.26
CA GLU C 185 0.31 35.48 -0.14
C GLU C 185 0.96 34.50 0.85
N VAL C 186 0.14 33.70 1.54
CA VAL C 186 0.60 32.68 2.47
C VAL C 186 -0.01 31.36 2.04
N LEU C 187 0.85 30.42 1.68
CA LEU C 187 0.43 29.11 1.26
C LEU C 187 0.61 28.10 2.37
N LEU C 188 1.68 28.27 3.16
CA LEU C 188 2.01 27.33 4.21
C LEU C 188 2.32 27.99 5.55
N PRO C 189 2.04 27.30 6.70
CA PRO C 189 2.40 27.87 8.03
C PRO C 189 3.91 27.90 8.25
N ALA C 190 4.39 28.93 8.95
CA ALA C 190 5.81 29.14 9.32
C ALA C 190 5.91 29.26 10.86
N ALA C 191 6.85 28.48 11.47
CA ALA C 191 7.13 28.48 12.91
C ALA C 191 7.39 29.90 13.45
N GLU C 192 7.89 30.82 12.61
CA GLU C 192 8.14 32.23 12.91
C GLU C 192 6.82 32.93 13.31
N ASP C 193 5.69 32.53 12.68
CA ASP C 193 4.35 33.11 12.94
C ASP C 193 3.63 32.47 14.10
N MET C 194 4.20 31.40 14.66
CA MET C 194 3.65 30.73 15.83
C MET C 194 4.10 31.47 17.06
N LEU C 195 5.32 32.04 17.03
CA LEU C 195 5.96 32.73 18.15
C LEU C 195 5.11 33.82 18.76
N PRO C 196 4.53 34.80 18.00
CA PRO C 196 3.73 35.84 18.66
C PRO C 196 2.44 35.27 19.27
N ILE C 197 1.80 34.28 18.61
CA ILE C 197 0.63 33.61 19.18
C ILE C 197 1.02 32.89 20.49
N ALA C 198 2.16 32.17 20.50
CA ALA C 198 2.66 31.44 21.65
C ALA C 198 3.11 32.35 22.80
N CYS C 199 3.73 33.52 22.49
CA CYS C 199 4.15 34.51 23.49
C CYS C 199 2.92 34.93 24.31
N GLN C 200 1.81 35.21 23.60
CA GLN C 200 0.51 35.60 24.14
C GLN C 200 -0.08 34.49 24.98
N MET C 201 0.01 33.24 24.50
CA MET C 201 -0.49 32.06 25.19
C MET C 201 0.26 31.78 26.48
N PHE C 202 1.59 31.93 26.46
CA PHE C 202 2.44 31.71 27.64
C PHE C 202 2.09 32.70 28.72
N ALA C 203 2.03 34.01 28.37
CA ALA C 203 1.70 35.12 29.27
C ALA C 203 0.40 34.82 30.03
N GLU C 204 -0.64 34.33 29.29
CA GLU C 204 -1.95 33.95 29.83
C GLU C 204 -1.96 32.61 30.56
N GLY C 205 -0.80 31.96 30.70
CA GLY C 205 -0.66 30.68 31.38
C GLY C 205 -1.37 29.53 30.69
N LYS C 206 -1.62 29.69 29.36
CA LYS C 206 -2.24 28.72 28.45
C LYS C 206 -1.12 27.77 27.88
N THR C 207 -0.42 27.10 28.80
CA THR C 207 0.66 26.16 28.50
C THR C 207 0.26 24.86 29.16
N VAL C 208 0.70 23.72 28.60
CA VAL C 208 0.35 22.42 29.18
C VAL C 208 1.60 21.62 29.50
N ALA C 209 1.50 20.62 30.40
CA ALA C 209 2.62 19.73 30.65
C ALA C 209 2.63 18.73 29.46
N VAL C 210 3.81 18.23 29.10
CA VAL C 210 4.05 17.32 27.96
C VAL C 210 2.98 16.18 27.84
N GLU C 211 2.51 15.59 28.98
CA GLU C 211 1.49 14.52 28.93
C GLU C 211 0.10 14.98 28.43
N HIS C 212 -0.14 16.33 28.38
CA HIS C 212 -1.42 16.92 27.95
C HIS C 212 -1.43 17.45 26.52
N ALA C 213 -0.26 17.50 25.86
CA ALA C 213 -0.11 17.92 24.46
C ALA C 213 -1.09 17.13 23.60
N GLU C 214 -1.87 17.84 22.78
CA GLU C 214 -2.87 17.18 21.96
C GLU C 214 -2.90 17.66 20.53
N PRO C 215 -3.00 16.73 19.56
CA PRO C 215 -3.14 17.16 18.16
C PRO C 215 -4.59 17.51 17.86
N VAL C 216 -4.81 18.36 16.85
CA VAL C 216 -6.13 18.76 16.36
C VAL C 216 -6.14 18.28 14.91
N TYR C 217 -6.88 17.19 14.66
CA TYR C 217 -6.96 16.58 13.34
C TYR C 217 -8.16 17.09 12.56
N LEU C 218 -9.23 17.49 13.27
CA LEU C 218 -10.55 17.95 12.75
C LEU C 218 -11.35 16.79 12.07
N ARG C 219 -10.69 16.02 11.19
CA ARG C 219 -11.26 14.84 10.54
C ARG C 219 -11.01 13.64 11.47
N ASN C 220 -12.09 13.02 11.96
CA ASN C 220 -12.04 11.88 12.88
C ASN C 220 -12.67 10.60 12.31
N ASN C 221 -13.36 10.68 11.15
CA ASN C 221 -13.93 9.49 10.47
C ASN C 221 -12.84 8.98 9.51
N VAL C 222 -11.92 8.23 10.11
CA VAL C 222 -10.67 7.72 9.53
C VAL C 222 -10.62 6.19 9.47
N ALA C 223 -11.66 5.56 10.01
CA ALA C 223 -11.79 4.13 10.07
C ALA C 223 -12.77 3.58 9.03
N TRP C 224 -12.55 2.32 8.60
CA TRP C 224 -13.44 1.60 7.71
C TRP C 224 -14.68 1.25 8.57
N LYS C 225 -15.86 1.03 7.94
CA LYS C 225 -17.13 0.73 8.64
C LYS C 225 -16.99 -0.34 9.74
N LYS C 226 -17.61 -0.12 10.92
CA LYS C 226 -17.62 -1.03 12.07
C LYS C 226 -18.29 -2.36 11.71
N LEU C 227 -17.91 -3.44 12.43
CA LEU C 227 -18.46 -4.78 12.23
C LEU C 227 -19.98 -4.80 12.51
N PRO C 228 -20.80 -5.62 11.79
CA PRO C 228 -22.25 -5.63 12.05
C PRO C 228 -22.62 -5.91 13.52
N GLY C 229 -23.25 -4.91 14.16
CA GLY C 229 -23.66 -4.96 15.56
C GLY C 229 -22.57 -4.58 16.53
N MET D 1 -15.89 -34.56 -3.17
CA MET D 1 -15.02 -33.38 -3.27
C MET D 1 -15.07 -32.79 -4.67
N ARG D 2 -15.19 -31.45 -4.78
CA ARG D 2 -15.27 -30.77 -6.07
C ARG D 2 -14.08 -29.84 -6.36
N ILE D 3 -13.44 -30.01 -7.54
CA ILE D 3 -12.35 -29.14 -7.99
C ILE D 3 -12.56 -28.66 -9.42
N LEU D 4 -12.46 -27.33 -9.62
CA LEU D 4 -12.51 -26.68 -10.93
C LEU D 4 -11.09 -26.23 -11.29
N ALA D 5 -10.57 -26.72 -12.42
CA ALA D 5 -9.24 -26.37 -12.94
C ALA D 5 -9.37 -25.50 -14.19
N ILE D 6 -8.49 -24.49 -14.30
CA ILE D 6 -8.42 -23.49 -15.38
C ILE D 6 -6.97 -23.31 -15.87
N ASP D 7 -6.76 -23.26 -17.20
CA ASP D 7 -5.43 -23.00 -17.78
C ASP D 7 -5.48 -22.21 -19.09
N THR D 8 -4.65 -21.14 -19.18
CA THR D 8 -4.54 -20.29 -20.36
C THR D 8 -3.08 -19.83 -20.61
N ALA D 9 -2.10 -20.42 -19.87
CA ALA D 9 -0.67 -20.05 -19.93
C ALA D 9 0.01 -20.28 -21.27
N THR D 10 -0.57 -21.14 -22.12
CA THR D 10 0.01 -21.45 -23.42
C THR D 10 -1.02 -21.13 -24.50
N GLU D 11 -0.80 -21.59 -25.76
CA GLU D 11 -1.72 -21.34 -26.88
CA GLU D 11 -1.70 -21.36 -26.90
C GLU D 11 -3.06 -22.02 -26.65
N ALA D 12 -3.10 -22.99 -25.72
CA ALA D 12 -4.28 -23.74 -25.32
C ALA D 12 -5.11 -23.05 -24.23
N CYS D 13 -6.39 -23.38 -24.20
CA CYS D 13 -7.41 -22.94 -23.25
C CYS D 13 -8.10 -24.22 -22.78
N SER D 14 -8.09 -24.47 -21.47
CA SER D 14 -8.70 -25.68 -20.93
C SER D 14 -9.35 -25.47 -19.58
N VAL D 15 -10.39 -26.26 -19.33
CA VAL D 15 -11.19 -26.27 -18.11
C VAL D 15 -11.45 -27.71 -17.75
N ALA D 16 -11.44 -28.04 -16.48
CA ALA D 16 -11.72 -29.40 -16.05
C ALA D 16 -12.40 -29.36 -14.72
N LEU D 17 -13.20 -30.39 -14.45
CA LEU D 17 -13.94 -30.53 -13.20
C LEU D 17 -13.87 -31.92 -12.68
N TRP D 18 -13.60 -32.03 -11.37
CA TRP D 18 -13.52 -33.26 -10.60
C TRP D 18 -14.68 -33.16 -9.58
N ASN D 19 -15.68 -34.06 -9.69
CA ASN D 19 -16.85 -34.11 -8.81
C ASN D 19 -16.74 -35.31 -7.83
N ASP D 20 -15.50 -35.85 -7.72
CA ASP D 20 -14.92 -36.98 -6.96
C ASP D 20 -14.36 -38.00 -7.96
N GLY D 21 -15.18 -38.93 -8.44
CA GLY D 21 -14.70 -39.88 -9.43
C GLY D 21 -14.75 -39.25 -10.81
N THR D 22 -15.93 -38.74 -11.14
CA THR D 22 -16.33 -38.11 -12.39
C THR D 22 -15.45 -36.87 -12.76
N VAL D 23 -14.84 -36.96 -13.96
CA VAL D 23 -14.00 -35.96 -14.61
C VAL D 23 -14.61 -35.51 -15.96
N ASN D 24 -15.11 -34.27 -15.98
CA ASN D 24 -15.47 -33.53 -17.19
C ASN D 24 -14.36 -32.56 -17.57
N ALA D 25 -13.94 -32.56 -18.83
CA ALA D 25 -12.88 -31.69 -19.32
C ALA D 25 -13.16 -31.14 -20.69
N HIS D 26 -12.60 -29.97 -20.98
CA HIS D 26 -12.67 -29.35 -22.28
C HIS D 26 -11.35 -28.67 -22.54
N PHE D 27 -10.77 -28.98 -23.68
CA PHE D 27 -9.48 -28.49 -24.11
C PHE D 27 -9.61 -27.97 -25.53
N GLU D 28 -9.06 -26.79 -25.82
CA GLU D 28 -9.02 -26.27 -27.18
C GLU D 28 -7.85 -25.33 -27.42
N LEU D 29 -7.40 -25.24 -28.67
CA LEU D 29 -6.36 -24.30 -29.03
C LEU D 29 -7.06 -22.95 -29.25
N CYS D 30 -6.59 -21.92 -28.55
CA CYS D 30 -7.12 -20.54 -28.52
C CYS D 30 -6.13 -19.47 -28.94
N PRO D 31 -5.20 -19.64 -29.92
CA PRO D 31 -4.31 -18.52 -30.24
C PRO D 31 -5.14 -17.25 -30.48
N ARG D 32 -4.84 -16.19 -29.71
CA ARG D 32 -5.49 -14.87 -29.77
C ARG D 32 -6.99 -14.87 -29.33
N GLU D 33 -7.48 -15.94 -28.69
CA GLU D 33 -8.93 -16.01 -28.34
C GLU D 33 -9.23 -16.34 -26.87
N HIS D 34 -8.17 -16.47 -26.05
CA HIS D 34 -8.24 -16.80 -24.62
C HIS D 34 -9.31 -16.06 -23.85
N THR D 35 -9.30 -14.71 -23.92
CA THR D 35 -10.22 -13.81 -23.22
C THR D 35 -11.65 -13.91 -23.74
N GLN D 36 -11.83 -14.37 -24.99
CA GLN D 36 -13.16 -14.54 -25.57
C GLN D 36 -13.81 -15.87 -25.22
N ARG D 37 -12.98 -16.91 -25.01
CA ARG D 37 -13.38 -18.30 -24.78
C ARG D 37 -13.37 -18.81 -23.34
N ILE D 38 -12.51 -18.28 -22.46
CA ILE D 38 -12.30 -18.83 -21.11
C ILE D 38 -13.60 -18.83 -20.24
N LEU D 39 -14.31 -17.70 -20.02
CA LEU D 39 -15.54 -17.72 -19.20
C LEU D 39 -16.67 -18.57 -19.85
N PRO D 40 -16.98 -18.48 -21.18
CA PRO D 40 -17.94 -19.42 -21.79
C PRO D 40 -17.59 -20.90 -21.54
N MET D 41 -16.27 -21.28 -21.56
CA MET D 41 -15.79 -22.63 -21.25
C MET D 41 -16.02 -23.00 -19.78
N VAL D 42 -15.84 -22.04 -18.86
CA VAL D 42 -16.06 -22.23 -17.42
C VAL D 42 -17.54 -22.52 -17.20
N GLN D 43 -18.43 -21.70 -17.80
CA GLN D 43 -19.88 -21.84 -17.71
C GLN D 43 -20.34 -23.14 -18.37
N ASP D 44 -19.71 -23.53 -19.50
CA ASP D 44 -20.06 -24.78 -20.18
C ASP D 44 -19.78 -26.01 -19.30
N ILE D 45 -18.60 -26.06 -18.68
CA ILE D 45 -18.20 -27.19 -17.84
C ILE D 45 -19.00 -27.25 -16.51
N LEU D 46 -19.50 -26.10 -16.02
CA LEU D 46 -20.31 -26.06 -14.79
C LEU D 46 -21.69 -26.63 -15.06
N THR D 47 -22.26 -26.29 -16.23
CA THR D 47 -23.56 -26.77 -16.66
C THR D 47 -23.53 -28.28 -16.91
N THR D 48 -22.63 -28.72 -17.81
CA THR D 48 -22.45 -30.14 -18.17
C THR D 48 -22.27 -31.04 -16.93
N SER D 49 -21.41 -30.63 -15.99
CA SER D 49 -21.12 -31.38 -14.77
C SER D 49 -22.23 -31.29 -13.70
N GLY D 50 -23.24 -30.46 -13.93
CA GLY D 50 -24.37 -30.26 -13.01
C GLY D 50 -23.92 -29.78 -11.65
N THR D 51 -23.03 -28.78 -11.63
CA THR D 51 -22.43 -28.19 -10.43
C THR D 51 -22.59 -26.66 -10.49
N SER D 52 -22.58 -26.01 -9.32
CA SER D 52 -22.64 -24.57 -9.19
C SER D 52 -21.30 -24.13 -8.66
N LEU D 53 -20.86 -22.93 -9.03
CA LEU D 53 -19.58 -22.36 -8.62
C LEU D 53 -19.38 -22.35 -7.08
N THR D 54 -20.45 -22.18 -6.31
CA THR D 54 -20.43 -22.20 -4.83
C THR D 54 -20.21 -23.62 -4.26
N ASP D 55 -20.61 -24.68 -5.01
CA ASP D 55 -20.45 -26.09 -4.64
C ASP D 55 -18.99 -26.60 -4.74
N ILE D 56 -18.13 -25.90 -5.52
CA ILE D 56 -16.69 -26.21 -5.71
C ILE D 56 -15.95 -26.00 -4.39
N ASN D 57 -15.04 -26.93 -4.04
CA ASN D 57 -14.26 -26.88 -2.81
C ASN D 57 -12.98 -26.07 -2.99
N ALA D 58 -12.45 -25.96 -4.23
CA ALA D 58 -11.21 -25.24 -4.54
C ALA D 58 -11.07 -24.92 -6.02
N LEU D 59 -10.32 -23.85 -6.31
CA LEU D 59 -10.07 -23.47 -7.68
C LEU D 59 -8.61 -23.70 -8.00
N ALA D 60 -8.30 -24.62 -8.92
CA ALA D 60 -6.93 -24.87 -9.39
C ALA D 60 -6.62 -24.01 -10.61
N TYR D 61 -5.52 -23.26 -10.54
CA TYR D 61 -5.12 -22.39 -11.63
C TYR D 61 -3.72 -22.72 -12.17
N GLY D 62 -3.47 -22.38 -13.43
CA GLY D 62 -2.18 -22.57 -14.09
C GLY D 62 -1.32 -21.40 -13.67
N ARG D 63 -0.42 -21.63 -12.71
CA ARG D 63 0.41 -20.58 -12.12
C ARG D 63 1.47 -20.02 -13.07
N GLY D 64 1.85 -20.85 -14.03
CA GLY D 64 2.90 -20.58 -15.00
C GLY D 64 4.01 -21.59 -14.83
N PRO D 65 5.13 -21.45 -15.57
CA PRO D 65 5.44 -20.40 -16.56
C PRO D 65 4.74 -20.59 -17.92
N GLY D 66 4.90 -19.59 -18.78
CA GLY D 66 4.36 -19.60 -20.14
C GLY D 66 4.39 -18.19 -20.70
N SER D 67 3.33 -17.84 -21.44
CA SER D 67 3.10 -16.49 -21.98
C SER D 67 2.80 -15.62 -20.76
N PHE D 68 3.49 -14.46 -20.59
CA PHE D 68 3.24 -13.59 -19.42
C PHE D 68 1.79 -13.12 -19.37
N THR D 69 1.20 -12.83 -20.56
CA THR D 69 -0.19 -12.43 -20.75
C THR D 69 -1.10 -13.62 -20.51
N GLY D 70 -0.67 -14.81 -20.92
CA GLY D 70 -1.42 -16.05 -20.74
C GLY D 70 -1.53 -16.44 -19.27
N VAL D 71 -0.39 -16.38 -18.55
CA VAL D 71 -0.29 -16.67 -17.10
C VAL D 71 -1.25 -15.75 -16.33
N ARG D 72 -1.23 -14.45 -16.66
CA ARG D 72 -2.08 -13.42 -16.08
C ARG D 72 -3.58 -13.61 -16.29
N ILE D 73 -4.00 -14.00 -17.52
CA ILE D 73 -5.41 -14.22 -17.84
C ILE D 73 -5.97 -15.33 -16.93
N GLY D 74 -5.25 -16.46 -16.89
CA GLY D 74 -5.59 -17.59 -16.05
C GLY D 74 -5.73 -17.24 -14.58
N ILE D 75 -4.72 -16.52 -14.01
CA ILE D 75 -4.80 -16.20 -12.59
C ILE D 75 -5.84 -15.02 -12.33
N GLY D 76 -6.05 -14.13 -13.29
CA GLY D 76 -7.03 -13.05 -13.23
C GLY D 76 -8.44 -13.58 -13.25
N ILE D 77 -8.71 -14.55 -14.14
CA ILE D 77 -10.02 -15.21 -14.21
C ILE D 77 -10.24 -15.99 -12.91
N ALA D 78 -9.30 -16.89 -12.57
CA ALA D 78 -9.34 -17.65 -11.32
C ALA D 78 -9.52 -16.79 -10.06
N GLN D 79 -8.85 -15.62 -9.95
CA GLN D 79 -8.97 -14.74 -8.80
C GLN D 79 -10.37 -14.13 -8.66
N GLY D 80 -10.97 -13.70 -9.76
CA GLY D 80 -12.33 -13.15 -9.76
C GLY D 80 -13.35 -14.19 -9.39
N LEU D 81 -13.18 -15.41 -9.91
CA LEU D 81 -14.06 -16.54 -9.62
C LEU D 81 -13.93 -16.96 -8.15
N ALA D 82 -12.69 -17.00 -7.63
CA ALA D 82 -12.46 -17.39 -6.24
C ALA D 82 -12.89 -16.31 -5.25
N LEU D 83 -12.69 -15.03 -5.59
CA LEU D 83 -13.08 -13.93 -4.70
C LEU D 83 -14.61 -13.88 -4.66
N GLY D 84 -15.22 -13.95 -5.84
CA GLY D 84 -16.67 -13.92 -6.01
C GLY D 84 -17.43 -15.03 -5.32
N ALA D 85 -16.96 -16.28 -5.46
CA ALA D 85 -17.58 -17.48 -4.90
C ALA D 85 -16.94 -17.99 -3.61
N GLU D 86 -15.97 -17.22 -3.04
CA GLU D 86 -15.27 -17.47 -1.76
C GLU D 86 -14.59 -18.85 -1.72
N LEU D 87 -13.73 -19.10 -2.69
CA LEU D 87 -13.06 -20.39 -2.85
C LEU D 87 -11.59 -20.35 -2.57
N PRO D 88 -11.03 -21.39 -1.91
CA PRO D 88 -9.57 -21.46 -1.79
C PRO D 88 -8.95 -21.73 -3.19
N MET D 89 -7.67 -21.43 -3.36
CA MET D 89 -6.99 -21.59 -4.64
C MET D 89 -5.80 -22.52 -4.60
N ILE D 90 -5.55 -23.21 -5.72
CA ILE D 90 -4.40 -24.11 -5.85
C ILE D 90 -3.62 -23.77 -7.12
N GLY D 91 -2.40 -23.27 -6.94
CA GLY D 91 -1.46 -22.96 -8.02
C GLY D 91 -0.81 -24.22 -8.54
N VAL D 92 -0.92 -24.47 -9.84
CA VAL D 92 -0.37 -25.68 -10.47
C VAL D 92 0.56 -25.30 -11.64
N SER D 93 1.82 -25.79 -11.54
CA SER D 93 2.86 -25.63 -12.55
C SER D 93 2.42 -26.24 -13.87
N THR D 94 2.53 -25.45 -14.98
CA THR D 94 2.23 -25.89 -16.33
C THR D 94 3.24 -26.96 -16.73
N LEU D 95 4.48 -26.85 -16.16
CA LEU D 95 5.56 -27.83 -16.39
C LEU D 95 5.20 -29.20 -15.73
N MET D 96 4.74 -29.18 -14.47
CA MET D 96 4.30 -30.39 -13.76
C MET D 96 3.02 -30.98 -14.38
N THR D 97 2.11 -30.12 -14.91
CA THR D 97 0.85 -30.52 -15.57
C THR D 97 1.16 -31.39 -16.78
N MET D 98 2.16 -31.00 -17.60
CA MET D 98 2.58 -31.78 -18.77
C MET D 98 3.25 -33.08 -18.36
N ALA D 99 4.03 -33.10 -17.23
CA ALA D 99 4.62 -34.31 -16.66
C ALA D 99 3.50 -35.33 -16.34
N GLN D 100 2.38 -34.85 -15.75
CA GLN D 100 1.20 -35.67 -15.43
C GLN D 100 0.50 -36.22 -16.67
N GLY D 101 0.38 -35.40 -17.70
CA GLY D 101 -0.20 -35.79 -18.98
C GLY D 101 0.60 -36.91 -19.60
N ALA D 102 1.95 -36.78 -19.62
CA ALA D 102 2.87 -37.79 -20.13
C ALA D 102 2.62 -39.13 -19.43
N TRP D 103 2.43 -39.12 -18.11
CA TRP D 103 2.12 -40.29 -17.31
C TRP D 103 0.73 -40.87 -17.66
N ARG D 104 -0.27 -39.98 -17.83
CA ARG D 104 -1.62 -40.36 -18.18
C ARG D 104 -1.62 -41.08 -19.53
N LYS D 105 -0.90 -40.55 -20.55
CA LYS D 105 -0.84 -41.12 -21.90
C LYS D 105 -0.04 -42.41 -22.00
N ASN D 106 1.15 -42.46 -21.39
CA ASN D 106 2.06 -43.58 -21.57
C ASN D 106 2.83 -44.04 -20.31
N GLY D 107 2.33 -43.71 -19.13
CA GLY D 107 2.96 -44.13 -17.87
C GLY D 107 4.31 -43.53 -17.54
N ALA D 108 4.73 -42.45 -18.24
CA ALA D 108 6.00 -41.73 -18.02
C ALA D 108 6.19 -41.33 -16.57
N THR D 109 7.39 -41.52 -16.05
CA THR D 109 7.66 -41.39 -14.63
C THR D 109 8.82 -40.42 -14.37
N ARG D 110 9.59 -40.14 -15.40
CA ARG D 110 10.75 -39.26 -15.42
C ARG D 110 10.54 -38.39 -16.65
N VAL D 111 10.25 -37.13 -16.41
CA VAL D 111 9.88 -36.18 -17.46
C VAL D 111 10.77 -34.96 -17.44
N LEU D 112 11.35 -34.65 -18.60
CA LEU D 112 12.08 -33.39 -18.81
C LEU D 112 11.11 -32.52 -19.59
N ALA D 113 10.55 -31.55 -18.90
CA ALA D 113 9.59 -30.66 -19.53
C ALA D 113 10.31 -29.40 -19.97
N ALA D 114 10.07 -28.95 -21.20
CA ALA D 114 10.66 -27.75 -21.75
C ALA D 114 9.61 -26.96 -22.54
N ILE D 115 9.36 -25.69 -22.16
CA ILE D 115 8.46 -24.77 -22.85
C ILE D 115 9.28 -23.71 -23.60
N ASP D 116 8.89 -23.35 -24.86
CA ASP D 116 9.53 -22.28 -25.60
C ASP D 116 9.15 -20.97 -24.87
N ALA D 117 10.15 -20.36 -24.25
CA ALA D 117 10.03 -19.13 -23.46
C ALA D 117 10.26 -17.91 -24.34
N ARG D 118 10.69 -18.14 -25.61
CA ARG D 118 11.07 -17.16 -26.63
C ARG D 118 12.42 -16.60 -26.18
N MET D 119 12.98 -15.59 -26.89
CA MET D 119 14.29 -14.97 -26.56
C MET D 119 15.46 -15.98 -26.44
N GLY D 120 15.38 -17.05 -27.24
CA GLY D 120 16.35 -18.13 -27.30
C GLY D 120 16.46 -18.94 -26.03
N GLU D 121 15.37 -18.99 -25.25
CA GLU D 121 15.33 -19.69 -23.97
C GLU D 121 14.15 -20.62 -23.86
N VAL D 122 14.22 -21.53 -22.90
CA VAL D 122 13.14 -22.48 -22.57
C VAL D 122 12.89 -22.42 -21.08
N TYR D 123 11.69 -22.78 -20.65
CA TYR D 123 11.33 -22.97 -19.24
C TYR D 123 11.55 -24.46 -19.02
N TRP D 124 12.44 -24.77 -18.10
CA TRP D 124 12.92 -26.11 -17.80
C TRP D 124 12.45 -26.63 -16.47
N ALA D 125 12.18 -27.95 -16.42
CA ALA D 125 11.87 -28.70 -15.21
C ALA D 125 12.17 -30.16 -15.44
N GLU D 126 12.74 -30.80 -14.42
CA GLU D 126 13.02 -32.23 -14.39
C GLU D 126 12.08 -32.77 -13.32
N TYR D 127 11.06 -33.51 -13.75
CA TYR D 127 10.03 -34.09 -12.90
C TYR D 127 10.09 -35.58 -12.78
N GLN D 128 10.04 -36.09 -11.55
CA GLN D 128 10.06 -37.52 -11.23
C GLN D 128 8.91 -37.86 -10.27
N ARG D 129 8.07 -38.83 -10.68
CA ARG D 129 6.88 -39.29 -9.97
C ARG D 129 7.25 -40.44 -9.03
N ASP D 130 6.73 -40.41 -7.80
CA ASP D 130 6.98 -41.50 -6.87
C ASP D 130 5.84 -42.55 -6.92
N GLU D 131 5.95 -43.57 -6.07
CA GLU D 131 5.02 -44.70 -5.91
C GLU D 131 3.57 -44.24 -5.55
N ASN D 132 3.45 -43.12 -4.81
CA ASN D 132 2.16 -42.57 -4.40
C ASN D 132 1.56 -41.67 -5.49
N GLY D 133 2.38 -41.28 -6.46
CA GLY D 133 1.97 -40.43 -7.56
C GLY D 133 2.30 -38.95 -7.42
N ILE D 134 3.15 -38.59 -6.44
CA ILE D 134 3.58 -37.22 -6.20
C ILE D 134 4.80 -36.92 -7.05
N TRP D 135 4.75 -35.77 -7.76
CA TRP D 135 5.81 -35.29 -8.65
C TRP D 135 6.85 -34.47 -7.87
N HIS D 136 8.10 -34.88 -7.97
CA HIS D 136 9.23 -34.24 -7.31
C HIS D 136 10.03 -33.53 -8.35
N GLY D 137 10.62 -32.40 -7.98
CA GLY D 137 11.47 -31.63 -8.87
C GLY D 137 11.09 -30.18 -9.10
N GLU D 138 10.15 -29.64 -8.31
CA GLU D 138 9.71 -28.24 -8.38
C GLU D 138 10.87 -27.27 -8.31
N GLU D 139 11.88 -27.61 -7.50
CA GLU D 139 13.10 -26.83 -7.30
C GLU D 139 13.95 -26.69 -8.58
N THR D 140 13.89 -27.69 -9.51
CA THR D 140 14.64 -27.68 -10.77
C THR D 140 14.10 -26.70 -11.83
N GLU D 141 12.95 -26.06 -11.57
CA GLU D 141 12.34 -25.08 -12.47
C GLU D 141 13.19 -23.84 -12.68
N ALA D 142 13.54 -23.56 -13.95
CA ALA D 142 14.34 -22.40 -14.34
C ALA D 142 14.07 -21.97 -15.79
N VAL D 143 14.42 -20.71 -16.15
CA VAL D 143 14.42 -20.24 -17.53
C VAL D 143 15.89 -20.42 -17.99
N LEU D 144 16.12 -21.27 -19.01
CA LEU D 144 17.49 -21.55 -19.46
C LEU D 144 17.74 -21.47 -20.96
N LYS D 145 19.00 -21.18 -21.29
CA LYS D 145 19.54 -21.20 -22.65
C LYS D 145 19.81 -22.67 -23.02
N PRO D 146 19.64 -23.10 -24.29
CA PRO D 146 19.84 -24.52 -24.64
C PRO D 146 21.19 -25.15 -24.26
N GLU D 147 22.25 -24.32 -24.13
CA GLU D 147 23.60 -24.76 -23.72
C GLU D 147 23.62 -25.11 -22.22
N ILE D 148 22.83 -24.38 -21.43
CA ILE D 148 22.70 -24.59 -19.99
C ILE D 148 21.80 -25.79 -19.73
N VAL D 149 20.84 -26.04 -20.64
CA VAL D 149 19.94 -27.19 -20.58
C VAL D 149 20.83 -28.46 -20.84
N HIS D 150 21.83 -28.33 -21.76
CA HIS D 150 22.79 -29.38 -22.08
C HIS D 150 23.65 -29.69 -20.84
N GLU D 151 24.10 -28.65 -20.11
CA GLU D 151 24.84 -28.80 -18.86
C GLU D 151 23.97 -29.55 -17.82
N ARG D 152 22.66 -29.15 -17.64
CA ARG D 152 21.73 -29.82 -16.70
C ARG D 152 21.65 -31.32 -17.00
N MET D 153 21.43 -31.65 -18.29
CA MET D 153 21.31 -33.01 -18.80
C MET D 153 22.59 -33.84 -18.57
N GLN D 154 23.78 -33.19 -18.53
CA GLN D 154 25.08 -33.85 -18.31
C GLN D 154 25.20 -34.36 -16.86
N GLN D 155 24.45 -33.73 -15.95
CA GLN D 155 24.39 -34.08 -14.54
C GLN D 155 23.17 -34.98 -14.21
N LEU D 156 22.53 -35.59 -15.23
CA LEU D 156 21.38 -36.50 -15.08
C LEU D 156 21.77 -37.86 -15.64
N SER D 157 20.97 -38.92 -15.33
CA SER D 157 21.24 -40.29 -15.80
C SER D 157 19.97 -41.06 -16.20
N GLY D 158 20.17 -42.05 -17.06
CA GLY D 158 19.15 -42.96 -17.53
C GLY D 158 18.15 -42.44 -18.54
N GLU D 159 16.98 -43.11 -18.57
CA GLU D 159 15.87 -42.82 -19.44
C GLU D 159 14.95 -41.70 -18.91
N TRP D 160 14.55 -40.79 -19.80
CA TRP D 160 13.62 -39.72 -19.50
C TRP D 160 12.67 -39.53 -20.66
N VAL D 161 11.52 -38.92 -20.38
CA VAL D 161 10.50 -38.60 -21.38
C VAL D 161 10.47 -37.07 -21.61
N THR D 162 10.36 -36.61 -22.87
CA THR D 162 10.36 -35.18 -23.21
C THR D 162 8.92 -34.65 -23.39
N VAL D 163 8.67 -33.39 -22.97
CA VAL D 163 7.34 -32.75 -22.98
C VAL D 163 7.46 -31.24 -23.19
N GLY D 164 6.52 -30.65 -23.94
CA GLY D 164 6.47 -29.20 -24.19
C GLY D 164 7.04 -28.70 -25.52
N THR D 165 6.79 -27.41 -25.81
CA THR D 165 7.19 -26.73 -27.06
C THR D 165 8.69 -26.40 -27.16
N GLY D 166 9.44 -26.61 -26.09
CA GLY D 166 10.88 -26.38 -26.09
C GLY D 166 11.61 -27.38 -26.97
N TRP D 167 11.16 -28.66 -26.96
CA TRP D 167 11.72 -29.76 -27.78
C TRP D 167 11.24 -29.64 -29.25
N GLN D 168 10.12 -28.92 -29.44
CA GLN D 168 9.49 -28.64 -30.73
C GLN D 168 10.30 -27.52 -31.43
N ALA D 169 10.61 -26.45 -30.67
CA ALA D 169 11.45 -25.31 -31.09
C ALA D 169 12.91 -25.76 -31.24
N TRP D 170 13.42 -26.61 -30.32
CA TRP D 170 14.81 -27.14 -30.32
C TRP D 170 14.82 -28.68 -30.43
N PRO D 171 14.57 -29.28 -31.62
CA PRO D 171 14.57 -30.76 -31.71
C PRO D 171 15.91 -31.44 -31.39
N ASP D 172 17.04 -30.72 -31.50
CA ASP D 172 18.38 -31.25 -31.18
C ASP D 172 18.82 -30.86 -29.74
N LEU D 173 17.87 -30.48 -28.86
CA LEU D 173 18.16 -30.06 -27.49
C LEU D 173 18.87 -31.15 -26.67
N GLY D 174 18.46 -32.40 -26.86
CA GLY D 174 19.02 -33.54 -26.15
C GLY D 174 20.16 -34.26 -26.83
N LYS D 175 20.72 -33.67 -27.91
CA LYS D 175 21.86 -34.22 -28.65
C LYS D 175 23.12 -34.18 -27.74
N GLU D 176 23.81 -35.34 -27.60
CA GLU D 176 25.02 -35.54 -26.79
C GLU D 176 24.76 -35.40 -25.26
N SER D 177 23.52 -35.64 -24.80
CA SER D 177 23.15 -35.52 -23.37
C SER D 177 23.63 -36.69 -22.48
N GLY D 178 23.75 -37.87 -23.09
CA GLY D 178 24.10 -39.11 -22.40
C GLY D 178 22.89 -39.84 -21.85
N LEU D 179 21.69 -39.32 -22.13
CA LEU D 179 20.44 -39.90 -21.62
C LEU D 179 19.68 -40.63 -22.71
N VAL D 180 18.69 -41.44 -22.31
CA VAL D 180 17.82 -42.05 -23.31
C VAL D 180 16.54 -41.18 -23.30
N LEU D 181 16.27 -40.52 -24.44
CA LEU D 181 15.13 -39.61 -24.53
C LEU D 181 13.99 -40.11 -25.40
N ARG D 182 12.84 -40.31 -24.78
CA ARG D 182 11.65 -40.75 -25.50
C ARG D 182 10.66 -39.61 -25.49
N ASP D 183 9.89 -39.45 -26.57
CA ASP D 183 8.87 -38.40 -26.70
C ASP D 183 7.67 -38.73 -25.79
N GLY D 184 7.22 -37.73 -25.05
CA GLY D 184 6.11 -37.86 -24.10
C GLY D 184 4.74 -37.74 -24.73
N GLU D 185 4.71 -37.33 -26.02
CA GLU D 185 3.50 -37.12 -26.82
C GLU D 185 2.64 -35.99 -26.21
N VAL D 186 3.28 -35.07 -25.46
CA VAL D 186 2.62 -33.95 -24.82
C VAL D 186 3.29 -32.64 -25.24
N LEU D 187 2.51 -31.77 -25.87
CA LEU D 187 2.98 -30.47 -26.33
C LEU D 187 2.53 -29.35 -25.41
N LEU D 188 1.32 -29.45 -24.85
CA LEU D 188 0.74 -28.38 -24.06
C LEU D 188 0.06 -28.86 -22.75
N PRO D 189 -0.02 -28.00 -21.70
CA PRO D 189 -0.70 -28.43 -20.46
C PRO D 189 -2.21 -28.47 -20.66
N ALA D 190 -2.86 -29.42 -19.99
CA ALA D 190 -4.32 -29.59 -20.02
C ALA D 190 -4.83 -29.54 -18.58
N ALA D 191 -5.96 -28.84 -18.36
CA ALA D 191 -6.57 -28.67 -17.05
C ALA D 191 -6.98 -30.02 -16.44
N GLU D 192 -7.27 -31.02 -17.29
CA GLU D 192 -7.59 -32.39 -16.86
C GLU D 192 -6.40 -32.99 -16.09
N ASP D 193 -5.16 -32.65 -16.47
CA ASP D 193 -3.93 -33.11 -15.81
C ASP D 193 -3.54 -32.30 -14.58
N MET D 194 -4.18 -31.14 -14.39
CA MET D 194 -3.97 -30.34 -13.18
C MET D 194 -4.74 -30.98 -12.04
N LEU D 195 -5.90 -31.62 -12.38
CA LEU D 195 -6.84 -32.22 -11.45
C LEU D 195 -6.22 -33.20 -10.46
N PRO D 196 -5.44 -34.24 -10.85
CA PRO D 196 -4.85 -35.11 -9.82
C PRO D 196 -3.83 -34.39 -8.93
N ILE D 197 -3.08 -33.39 -9.46
CA ILE D 197 -2.12 -32.62 -8.67
C ILE D 197 -2.84 -31.74 -7.63
N ALA D 198 -3.97 -31.13 -8.02
CA ALA D 198 -4.79 -30.28 -7.16
C ALA D 198 -5.43 -31.06 -6.01
N CYS D 199 -5.98 -32.28 -6.27
CA CYS D 199 -6.56 -33.17 -5.26
C CYS D 199 -5.53 -33.48 -4.20
N GLN D 200 -4.32 -33.86 -4.62
CA GLN D 200 -3.19 -34.19 -3.74
C GLN D 200 -2.93 -33.00 -2.82
N MET D 201 -2.81 -31.80 -3.41
CA MET D 201 -2.59 -30.55 -2.69
C MET D 201 -3.73 -30.18 -1.75
N PHE D 202 -4.99 -30.35 -2.18
CA PHE D 202 -6.15 -30.02 -1.35
C PHE D 202 -6.14 -30.84 -0.04
N ALA D 203 -5.94 -32.17 -0.18
CA ALA D 203 -5.85 -33.19 0.87
C ALA D 203 -4.75 -32.90 1.91
N GLU D 204 -3.66 -32.24 1.49
CA GLU D 204 -2.54 -31.86 2.34
C GLU D 204 -2.63 -30.41 2.91
N GLY D 205 -3.72 -29.69 2.60
CA GLY D 205 -3.94 -28.31 3.05
C GLY D 205 -3.12 -27.26 2.33
N LYS D 206 -2.64 -27.61 1.10
CA LYS D 206 -1.83 -26.77 0.23
C LYS D 206 -2.69 -25.85 -0.71
N THR D 207 -3.72 -25.21 -0.10
CA THR D 207 -4.64 -24.26 -0.72
C THR D 207 -4.32 -22.88 -0.12
N VAL D 208 -4.60 -21.81 -0.86
CA VAL D 208 -4.34 -20.45 -0.37
C VAL D 208 -5.58 -19.60 -0.58
N ALA D 209 -5.76 -18.55 0.25
CA ALA D 209 -6.84 -17.58 0.05
C ALA D 209 -6.49 -16.81 -1.23
N VAL D 210 -7.51 -16.39 -1.99
CA VAL D 210 -7.45 -15.68 -3.27
C VAL D 210 -6.37 -14.56 -3.31
N GLU D 211 -6.23 -13.78 -2.22
CA GLU D 211 -5.25 -12.68 -2.15
C GLU D 211 -3.77 -13.17 -2.14
N HIS D 212 -3.58 -14.50 -1.96
CA HIS D 212 -2.28 -15.15 -1.92
C HIS D 212 -1.91 -15.89 -3.23
N ALA D 213 -2.84 -16.01 -4.20
CA ALA D 213 -2.57 -16.61 -5.51
C ALA D 213 -1.47 -15.82 -6.17
N GLU D 214 -0.43 -16.52 -6.66
CA GLU D 214 0.71 -15.85 -7.28
C GLU D 214 1.09 -16.48 -8.61
N PRO D 215 1.52 -15.66 -9.59
CA PRO D 215 2.02 -16.24 -10.83
C PRO D 215 3.47 -16.72 -10.64
N VAL D 216 3.97 -17.53 -11.56
CA VAL D 216 5.35 -18.00 -11.59
C VAL D 216 5.80 -17.65 -13.00
N TYR D 217 6.61 -16.61 -13.13
CA TYR D 217 7.06 -16.15 -14.44
C TYR D 217 8.38 -16.77 -14.84
N LEU D 218 9.30 -16.95 -13.86
CA LEU D 218 10.68 -17.47 -13.99
C LEU D 218 11.61 -16.43 -14.64
N ARG D 219 11.18 -15.83 -15.76
CA ARG D 219 11.94 -14.76 -16.38
C ARG D 219 11.50 -13.46 -15.69
N ASN D 220 12.42 -12.85 -14.93
CA ASN D 220 12.17 -11.60 -14.19
C ASN D 220 12.88 -10.39 -14.80
N ASN D 221 13.92 -10.58 -15.66
CA ASN D 221 14.60 -9.48 -16.34
C ASN D 221 13.79 -9.08 -17.59
N VAL D 222 12.71 -8.33 -17.36
CA VAL D 222 11.72 -7.93 -18.37
C VAL D 222 11.79 -6.45 -18.78
N ALA D 223 12.56 -5.67 -18.02
CA ALA D 223 12.69 -4.24 -18.22
C ALA D 223 13.98 -3.86 -18.95
N TRP D 224 14.02 -2.63 -19.50
CA TRP D 224 15.18 -2.05 -20.15
C TRP D 224 16.19 -1.69 -19.04
N LYS D 225 17.48 -1.45 -19.39
CA LYS D 225 18.47 -1.10 -18.37
C LYS D 225 18.02 0.13 -17.55
N LYS D 226 18.21 0.07 -16.21
CA LYS D 226 17.89 1.15 -15.28
C LYS D 226 18.69 2.42 -15.62
N LEU D 227 18.26 3.58 -15.08
CA LEU D 227 18.94 4.86 -15.32
C LEU D 227 20.31 4.90 -14.57
N PRO D 228 21.32 5.70 -15.03
CA PRO D 228 22.61 5.72 -14.30
C PRO D 228 22.55 6.43 -12.95
#